data_9H8J
#
_entry.id   9H8J
#
_cell.length_a   86.112
_cell.length_b   71.931
_cell.length_c   97.690
_cell.angle_alpha   90.00
_cell.angle_beta   92.59
_cell.angle_gamma   90.00
#
_symmetry.space_group_name_H-M   'P 1 21 1'
#
loop_
_entity.id
_entity.type
_entity.pdbx_description
1 polymer 'Polyphosphate kinase'
2 non-polymer 'PHOSPHATE ION'
3 non-polymer 'SUCCINIC ACID'
4 water water
#
_entity_poly.entity_id   1
_entity_poly.type   'polypeptide(L)'
_entity_poly.pdbx_seq_one_letter_code
;MTQNIKNLDLSIELDKKMYKKKLKVLQYEMLNAQQFLLKNKIGLILVFEGMDAAGKGGAIKRLIERVDPRGYVVHPISAP
QPHELRYNYLQRFWRKLPQHGQIAVFDRSWYGRVLVERIEGFATKDEWSRAYEEINNFEKILTAGDYIIIKFWLHVSDEE
QLKRFKEREQNPYKSWKLTDEDWRNREKSPQYIEAANEMFEKTDKKNAPWVLVAGNDKKYARVQVLQETLAHIEREALKR
GLHLTNVLDKAHLEDAESSSLDILNEKKK
;
_entity_poly.pdbx_strand_id   B,A,C,D
#
# COMPACT_ATOMS: atom_id res chain seq x y z
N MET A 1 -8.74 19.33 -31.41
CA MET A 1 -9.20 20.60 -31.97
C MET A 1 -10.62 20.50 -32.47
N THR A 2 -11.24 19.33 -32.26
CA THR A 2 -12.64 19.10 -32.56
C THR A 2 -13.23 18.28 -31.44
N GLN A 3 -14.53 18.42 -31.24
CA GLN A 3 -15.25 17.54 -30.34
C GLN A 3 -15.45 16.20 -31.02
N ASN A 4 -15.05 15.13 -30.38
CA ASN A 4 -15.29 13.80 -30.90
C ASN A 4 -16.68 13.35 -30.45
N ILE A 5 -17.37 12.60 -31.30
CA ILE A 5 -18.64 11.97 -30.94
C ILE A 5 -18.68 10.59 -31.56
N LYS A 6 -19.28 9.63 -30.84
CA LYS A 6 -19.34 8.26 -31.32
C LYS A 6 -20.03 8.14 -32.68
N ASN A 7 -20.97 9.03 -32.97
CA ASN A 7 -21.72 8.99 -34.23
C ASN A 7 -20.87 9.31 -35.46
N LEU A 8 -19.64 9.78 -35.28
CA LEU A 8 -18.78 10.07 -36.42
C LEU A 8 -17.95 8.87 -36.85
N ASP A 9 -17.95 7.81 -36.05
CA ASP A 9 -17.11 6.64 -36.27
C ASP A 9 -17.77 5.73 -37.31
N LEU A 10 -17.01 5.31 -38.32
CA LEU A 10 -17.52 4.39 -39.32
C LEU A 10 -17.27 2.96 -38.82
N SER A 11 -18.32 2.31 -38.34
CA SER A 11 -18.17 0.96 -37.84
C SER A 11 -18.00 -0.07 -38.96
N ILE A 12 -17.92 0.39 -40.21
CA ILE A 12 -17.75 -0.49 -41.37
C ILE A 12 -16.27 -0.71 -41.73
N GLU A 13 -15.37 0.12 -41.22
CA GLU A 13 -13.96 0.00 -41.58
C GLU A 13 -13.38 -1.34 -41.17
N LEU A 14 -12.53 -1.87 -42.04
CA LEU A 14 -11.92 -3.17 -41.83
C LEU A 14 -10.46 -3.12 -42.28
N ASP A 15 -9.74 -4.16 -41.90
CA ASP A 15 -8.34 -4.34 -42.24
C ASP A 15 -8.16 -5.80 -42.65
N LYS A 16 -7.30 -6.03 -43.63
CA LYS A 16 -7.17 -7.34 -44.25
C LYS A 16 -6.15 -8.16 -43.46
N LYS A 17 -5.66 -9.27 -44.03
CA LYS A 17 -4.71 -10.10 -43.29
C LYS A 17 -3.31 -9.51 -43.33
N MET A 18 -3.19 -8.29 -43.86
CA MET A 18 -1.99 -7.47 -43.77
C MET A 18 -1.78 -7.13 -42.29
N TYR A 19 -2.61 -7.77 -41.46
CA TYR A 19 -2.57 -7.63 -40.02
C TYR A 19 -1.27 -8.20 -39.44
N LYS A 20 -0.80 -9.35 -39.95
CA LYS A 20 0.39 -9.97 -39.38
C LYS A 20 1.63 -9.07 -39.52
N LYS A 21 1.84 -8.50 -40.71
CA LYS A 21 3.01 -7.69 -40.97
C LYS A 21 3.06 -6.46 -40.06
N LYS A 22 2.03 -5.61 -40.16
CA LYS A 22 1.97 -4.42 -39.33
C LYS A 22 1.99 -4.78 -37.85
N LEU A 23 1.29 -5.86 -37.49
CA LEU A 23 1.18 -6.24 -36.07
C LEU A 23 2.55 -6.56 -35.47
N LYS A 24 3.32 -7.43 -36.12
CA LYS A 24 4.63 -7.76 -35.59
C LYS A 24 5.50 -6.51 -35.51
N VAL A 25 5.52 -5.71 -36.58
CA VAL A 25 6.36 -4.52 -36.58
C VAL A 25 5.99 -3.61 -35.41
N LEU A 26 4.68 -3.36 -35.23
CA LEU A 26 4.24 -2.46 -34.18
C LEU A 26 4.49 -3.01 -32.79
N GLN A 27 4.41 -4.33 -32.60
CA GLN A 27 4.67 -4.89 -31.27
C GLN A 27 6.14 -4.71 -30.89
N TYR A 28 7.04 -4.90 -31.85
CA TYR A 28 8.44 -4.63 -31.55
C TYR A 28 8.70 -3.14 -31.32
N GLU A 29 7.98 -2.27 -32.04
CA GLU A 29 8.10 -0.86 -31.74
C GLU A 29 7.61 -0.55 -30.32
N MET A 30 6.61 -1.30 -29.84
CA MET A 30 6.17 -1.11 -28.46
C MET A 30 7.22 -1.57 -27.46
N LEU A 31 7.95 -2.65 -27.76
CA LEU A 31 9.09 -3.02 -26.92
C LEU A 31 10.14 -1.90 -26.89
N ASN A 32 10.47 -1.35 -28.05
CA ASN A 32 11.42 -0.23 -28.12
C ASN A 32 10.92 0.98 -27.31
N ALA A 33 9.62 1.26 -27.38
CA ALA A 33 9.03 2.34 -26.59
C ALA A 33 9.14 2.06 -25.10
N GLN A 34 8.93 0.80 -24.69
CA GLN A 34 9.13 0.45 -23.28
C GLN A 34 10.56 0.78 -22.85
N GLN A 35 11.52 0.43 -23.68
CA GLN A 35 12.92 0.71 -23.34
C GLN A 35 13.18 2.20 -23.26
N PHE A 36 12.61 2.98 -24.19
CA PHE A 36 12.74 4.42 -24.15
C PHE A 36 12.15 5.00 -22.86
N LEU A 37 10.93 4.57 -22.51
CA LEU A 37 10.25 5.08 -21.32
C LEU A 37 11.04 4.76 -20.06
N LEU A 38 11.60 3.54 -19.98
CA LEU A 38 12.38 3.13 -18.82
C LEU A 38 13.68 3.92 -18.73
N LYS A 39 14.38 4.07 -19.86
CA LYS A 39 15.63 4.81 -19.87
C LYS A 39 15.45 6.27 -19.49
N ASN A 40 14.33 6.88 -19.87
CA ASN A 40 14.07 8.26 -19.52
C ASN A 40 13.21 8.42 -18.26
N LYS A 41 12.84 7.32 -17.60
CA LYS A 41 12.02 7.36 -16.39
C LYS A 41 10.74 8.18 -16.62
N ILE A 42 10.05 7.85 -17.70
CA ILE A 42 8.73 8.40 -17.98
C ILE A 42 7.73 7.25 -17.85
N GLY A 43 6.77 7.41 -16.94
CA GLY A 43 5.71 6.41 -16.80
C GLY A 43 4.64 6.55 -17.86
N LEU A 44 3.96 5.43 -18.14
CA LEU A 44 2.93 5.37 -19.17
C LEU A 44 1.64 4.83 -18.59
N ILE A 45 0.54 5.54 -18.83
CA ILE A 45 -0.78 5.16 -18.33
C ILE A 45 -1.72 5.05 -19.54
N LEU A 46 -2.23 3.85 -19.76
CA LEU A 46 -3.14 3.55 -20.86
C LEU A 46 -4.50 3.22 -20.29
N VAL A 47 -5.52 3.95 -20.72
CA VAL A 47 -6.89 3.75 -20.25
C VAL A 47 -7.70 3.08 -21.36
N PHE A 48 -8.48 2.07 -20.99
CA PHE A 48 -9.39 1.44 -21.93
C PHE A 48 -10.81 1.48 -21.38
N GLU A 49 -11.72 2.08 -22.15
CA GLU A 49 -13.15 2.08 -21.88
C GLU A 49 -13.87 1.67 -23.15
N GLY A 50 -15.16 1.38 -23.04
CA GLY A 50 -15.93 1.08 -24.22
C GLY A 50 -17.09 0.17 -23.89
N MET A 51 -17.78 -0.27 -24.95
CA MET A 51 -18.89 -1.19 -24.77
C MET A 51 -18.36 -2.53 -24.30
N ASP A 52 -19.19 -3.26 -23.55
CA ASP A 52 -18.83 -4.62 -23.18
C ASP A 52 -18.63 -5.46 -24.44
N ALA A 53 -17.57 -6.26 -24.42
CA ALA A 53 -17.17 -7.14 -25.51
C ALA A 53 -16.74 -6.35 -26.75
N ALA A 54 -16.36 -5.08 -26.58
CA ALA A 54 -15.87 -4.31 -27.71
C ALA A 54 -14.46 -4.68 -28.12
N GLY A 55 -13.78 -5.50 -27.33
CA GLY A 55 -12.44 -5.93 -27.65
C GLY A 55 -11.34 -5.29 -26.84
N LYS A 56 -11.63 -4.77 -25.64
CA LYS A 56 -10.60 -4.13 -24.83
C LYS A 56 -9.50 -5.10 -24.42
N GLY A 57 -9.88 -6.28 -23.92
CA GLY A 57 -8.90 -7.25 -23.47
C GLY A 57 -7.96 -7.70 -24.58
N GLY A 58 -8.53 -8.02 -25.75
CA GLY A 58 -7.69 -8.45 -26.87
C GLY A 58 -6.76 -7.35 -27.36
N ALA A 59 -7.25 -6.10 -27.38
CA ALA A 59 -6.39 -5.00 -27.78
C ALA A 59 -5.23 -4.81 -26.81
N ILE A 60 -5.53 -4.86 -25.51
CA ILE A 60 -4.49 -4.77 -24.49
C ILE A 60 -3.46 -5.89 -24.67
N LYS A 61 -3.94 -7.13 -24.89
CA LYS A 61 -3.03 -8.26 -25.00
C LYS A 61 -2.10 -8.12 -26.21
N ARG A 62 -2.62 -7.68 -27.35
CA ARG A 62 -1.70 -7.49 -28.48
C ARG A 62 -0.74 -6.32 -28.24
N LEU A 63 -1.15 -5.29 -27.51
CA LEU A 63 -0.26 -4.16 -27.29
C LEU A 63 0.98 -4.57 -26.49
N ILE A 64 0.80 -5.41 -25.47
CA ILE A 64 1.90 -5.75 -24.56
C ILE A 64 2.54 -7.10 -24.88
N GLU A 65 2.21 -7.70 -26.04
CA GLU A 65 2.66 -9.07 -26.31
C GLU A 65 4.18 -9.20 -26.28
N ARG A 66 4.92 -8.22 -26.82
CA ARG A 66 6.38 -8.32 -26.85
C ARG A 66 7.06 -7.40 -25.84
N VAL A 67 6.30 -6.86 -24.92
CA VAL A 67 6.79 -5.98 -23.86
C VAL A 67 7.23 -6.84 -22.68
N ASP A 68 8.29 -6.41 -21.99
CA ASP A 68 8.75 -7.16 -20.83
C ASP A 68 7.74 -7.05 -19.70
N PRO A 69 7.16 -8.16 -19.21
CA PRO A 69 6.15 -8.05 -18.14
C PRO A 69 6.69 -7.58 -16.82
N ARG A 70 8.01 -7.47 -16.65
CA ARG A 70 8.47 -6.92 -15.39
C ARG A 70 8.27 -5.41 -15.32
N GLY A 71 7.80 -4.80 -16.40
CA GLY A 71 7.58 -3.38 -16.44
C GLY A 71 6.14 -2.98 -16.71
N TYR A 72 5.15 -3.88 -16.55
CA TYR A 72 3.77 -3.44 -16.70
C TYR A 72 2.86 -4.13 -15.69
N VAL A 73 1.69 -3.51 -15.47
CA VAL A 73 0.61 -4.10 -14.69
C VAL A 73 -0.70 -3.76 -15.39
N VAL A 74 -1.53 -4.77 -15.63
CA VAL A 74 -2.86 -4.56 -16.21
C VAL A 74 -3.89 -4.69 -15.09
N HIS A 75 -4.62 -3.59 -14.83
CA HIS A 75 -5.57 -3.54 -13.72
C HIS A 75 -6.98 -3.76 -14.22
N PRO A 76 -7.69 -4.78 -13.76
CA PRO A 76 -9.14 -4.88 -14.05
C PRO A 76 -9.91 -4.06 -13.03
N ILE A 77 -10.56 -3.01 -13.49
CA ILE A 77 -11.22 -2.08 -12.58
C ILE A 77 -12.71 -2.34 -12.59
N SER A 78 -13.28 -2.53 -11.40
CA SER A 78 -14.71 -2.64 -11.20
C SER A 78 -15.19 -1.45 -10.39
N ALA A 79 -16.51 -1.37 -10.23
CA ALA A 79 -17.11 -0.30 -9.46
C ALA A 79 -16.61 -0.35 -8.02
N PRO A 80 -16.55 0.80 -7.34
CA PRO A 80 -16.06 0.81 -5.96
C PRO A 80 -16.88 -0.09 -5.04
N GLN A 81 -16.19 -0.85 -4.24
CA GLN A 81 -16.72 -1.68 -3.18
CA GLN A 81 -16.73 -1.69 -3.18
C GLN A 81 -16.64 -0.93 -1.86
N PRO A 82 -17.26 -1.45 -0.78
CA PRO A 82 -17.21 -0.71 0.50
C PRO A 82 -15.82 -0.28 0.96
N HIS A 83 -14.81 -1.16 0.85
CA HIS A 83 -13.49 -0.77 1.35
C HIS A 83 -12.91 0.39 0.57
N GLU A 84 -13.27 0.52 -0.71
CA GLU A 84 -12.79 1.64 -1.52
C GLU A 84 -13.61 2.92 -1.26
N LEU A 85 -14.88 2.78 -0.88
CA LEU A 85 -15.71 3.94 -0.60
C LEU A 85 -15.32 4.66 0.69
N ARG A 86 -14.34 4.13 1.43
CA ARG A 86 -13.80 4.84 2.60
C ARG A 86 -12.90 6.01 2.22
N TYR A 87 -12.51 6.16 0.95
CA TYR A 87 -11.64 7.23 0.51
C TYR A 87 -12.27 7.96 -0.67
N ASN A 88 -11.66 9.09 -1.02
CA ASN A 88 -12.01 9.77 -2.26
C ASN A 88 -11.91 8.79 -3.42
N TYR A 89 -12.77 8.97 -4.43
CA TYR A 89 -12.89 7.94 -5.46
C TYR A 89 -11.62 7.79 -6.29
N LEU A 90 -10.72 8.78 -6.27
CA LEU A 90 -9.47 8.67 -7.00
C LEU A 90 -8.35 8.00 -6.20
N GLN A 91 -8.55 7.75 -4.91
CA GLN A 91 -7.47 7.25 -4.05
C GLN A 91 -6.94 5.90 -4.56
N ARG A 92 -7.85 4.98 -4.91
CA ARG A 92 -7.44 3.67 -5.41
C ARG A 92 -6.56 3.80 -6.67
N PHE A 93 -6.83 4.82 -7.50
CA PHE A 93 -6.04 4.96 -8.70
C PHE A 93 -4.68 5.57 -8.40
N TRP A 94 -4.59 6.46 -7.42
CA TRP A 94 -3.27 6.91 -6.96
C TRP A 94 -2.48 5.75 -6.39
N ARG A 95 -3.13 4.81 -5.70
CA ARG A 95 -2.41 3.63 -5.23
C ARG A 95 -1.94 2.75 -6.38
N LYS A 96 -2.61 2.81 -7.52
CA LYS A 96 -2.23 1.99 -8.67
C LYS A 96 -1.39 2.74 -9.70
N LEU A 97 -0.92 3.94 -9.41
CA LEU A 97 -0.15 4.67 -10.41
C LEU A 97 1.17 3.95 -10.64
N PRO A 98 1.65 3.90 -11.89
CA PRO A 98 2.96 3.29 -12.16
C PRO A 98 4.08 4.20 -11.67
N GLN A 99 5.20 3.59 -11.28
CA GLN A 99 6.41 4.37 -11.04
C GLN A 99 6.98 4.93 -12.35
N HIS A 100 7.73 6.01 -12.23
CA HIS A 100 8.42 6.58 -13.38
C HIS A 100 9.22 5.50 -14.12
N GLY A 101 8.95 5.35 -15.41
CA GLY A 101 9.56 4.36 -16.25
C GLY A 101 8.70 3.14 -16.52
N GLN A 102 7.64 2.95 -15.73
CA GLN A 102 6.79 1.78 -15.79
C GLN A 102 5.50 2.06 -16.56
N ILE A 103 4.77 0.96 -16.83
CA ILE A 103 3.51 1.01 -17.59
C ILE A 103 2.37 0.51 -16.71
N ALA A 104 1.28 1.25 -16.65
CA ALA A 104 0.06 0.79 -16.03
C ALA A 104 -1.06 0.82 -17.06
N VAL A 105 -1.76 -0.29 -17.20
CA VAL A 105 -2.92 -0.38 -18.07
C VAL A 105 -4.15 -0.56 -17.22
N PHE A 106 -5.20 0.22 -17.51
CA PHE A 106 -6.45 0.19 -16.77
C PHE A 106 -7.56 -0.30 -17.70
N ASP A 107 -8.00 -1.54 -17.48
CA ASP A 107 -9.18 -2.06 -18.13
C ASP A 107 -10.37 -1.54 -17.34
N ARG A 108 -10.96 -0.44 -17.85
CA ARG A 108 -11.86 0.45 -17.12
C ARG A 108 -11.04 1.19 -16.07
N SER A 109 -11.53 2.33 -15.58
CA SER A 109 -10.66 3.24 -14.86
C SER A 109 -11.50 4.25 -14.07
N TRP A 110 -10.88 5.39 -13.74
CA TRP A 110 -11.61 6.45 -13.03
C TRP A 110 -12.79 6.99 -13.84
N TYR A 111 -12.79 6.84 -15.16
CA TYR A 111 -13.92 7.33 -15.94
C TYR A 111 -15.22 6.63 -15.60
N GLY A 112 -15.17 5.52 -14.86
CA GLY A 112 -16.38 4.93 -14.33
C GLY A 112 -17.23 5.95 -13.58
N ARG A 113 -16.58 6.95 -12.96
CA ARG A 113 -17.30 7.98 -12.22
C ARG A 113 -18.32 8.70 -13.09
N VAL A 114 -18.05 8.85 -14.40
CA VAL A 114 -18.95 9.52 -15.32
C VAL A 114 -19.58 8.54 -16.31
N LEU A 115 -19.42 7.23 -16.09
CA LEU A 115 -19.99 6.25 -16.99
C LEU A 115 -20.94 5.39 -16.16
N VAL A 116 -20.51 4.19 -15.74
CA VAL A 116 -21.39 3.26 -15.03
C VAL A 116 -21.88 3.87 -13.72
N GLU A 117 -21.02 4.58 -13.01
CA GLU A 117 -21.47 5.17 -11.75
C GLU A 117 -22.52 6.24 -11.97
N ARG A 118 -22.43 6.97 -13.09
CA ARG A 118 -23.50 7.91 -13.42
C ARG A 118 -24.77 7.18 -13.82
N ILE A 119 -24.67 6.21 -14.72
CA ILE A 119 -25.86 5.58 -15.27
C ILE A 119 -26.56 4.72 -14.23
N GLU A 120 -25.80 4.02 -13.39
CA GLU A 120 -26.40 3.18 -12.35
C GLU A 120 -26.71 3.94 -11.06
N GLY A 121 -26.37 5.23 -10.97
CA GLY A 121 -26.65 6.01 -9.78
C GLY A 121 -25.73 5.79 -8.61
N PHE A 122 -24.61 5.06 -8.79
CA PHE A 122 -23.63 4.92 -7.71
C PHE A 122 -23.08 6.27 -7.30
N ALA A 123 -22.95 7.19 -8.25
CA ALA A 123 -22.52 8.55 -7.99
C ALA A 123 -23.72 9.48 -8.08
N THR A 124 -23.77 10.46 -7.19
CA THR A 124 -24.86 11.41 -7.29
C THR A 124 -24.66 12.32 -8.51
N LYS A 125 -25.70 13.07 -8.83
CA LYS A 125 -25.64 14.03 -9.92
C LYS A 125 -24.48 15.01 -9.74
N ASP A 126 -24.32 15.54 -8.53
CA ASP A 126 -23.24 16.48 -8.27
C ASP A 126 -21.89 15.81 -8.45
N GLU A 127 -21.76 14.57 -7.99
CA GLU A 127 -20.50 13.85 -8.09
C GLU A 127 -20.07 13.67 -9.54
N TRP A 128 -20.91 13.03 -10.37
CA TRP A 128 -20.44 12.81 -11.73
C TRP A 128 -20.34 14.11 -12.51
N SER A 129 -21.22 15.09 -12.25
CA SER A 129 -21.16 16.33 -13.01
C SER A 129 -19.87 17.11 -12.73
N ARG A 130 -19.37 17.07 -11.48
CA ARG A 130 -18.10 17.75 -11.19
C ARG A 130 -16.88 16.86 -11.51
N ALA A 131 -17.11 15.57 -11.76
CA ALA A 131 -15.98 14.67 -12.01
C ALA A 131 -15.18 15.02 -13.27
N TYR A 132 -15.80 15.59 -14.31
CA TYR A 132 -15.06 15.91 -15.53
C TYR A 132 -13.85 16.80 -15.22
N GLU A 133 -14.10 17.89 -14.51
CA GLU A 133 -13.00 18.79 -14.16
C GLU A 133 -12.06 18.14 -13.16
N GLU A 134 -12.60 17.39 -12.20
CA GLU A 134 -11.72 16.68 -11.26
C GLU A 134 -10.73 15.78 -12.01
N ILE A 135 -11.22 15.08 -13.03
CA ILE A 135 -10.40 14.12 -13.76
C ILE A 135 -9.38 14.84 -14.63
N ASN A 136 -9.79 15.93 -15.29
CA ASN A 136 -8.83 16.72 -16.06
C ASN A 136 -7.70 17.19 -15.17
N ASN A 137 -8.02 17.64 -13.94
CA ASN A 137 -6.98 18.12 -13.03
C ASN A 137 -6.05 17.00 -12.61
N PHE A 138 -6.61 15.81 -12.33
CA PHE A 138 -5.80 14.64 -11.98
C PHE A 138 -4.81 14.30 -13.09
N GLU A 139 -5.32 14.15 -14.32
CA GLU A 139 -4.46 13.83 -15.45
C GLU A 139 -3.45 14.94 -15.73
N LYS A 140 -3.82 16.20 -15.48
CA LYS A 140 -2.89 17.31 -15.73
C LYS A 140 -1.75 17.31 -14.71
N ILE A 141 -2.05 17.02 -13.44
CA ILE A 141 -0.98 16.91 -12.45
C ILE A 141 0.00 15.80 -12.86
N LEU A 142 -0.53 14.68 -13.37
CA LEU A 142 0.38 13.61 -13.77
C LEU A 142 1.19 13.96 -15.02
N THR A 143 0.54 14.46 -16.08
CA THR A 143 1.26 14.69 -17.34
C THR A 143 2.15 15.91 -17.32
N ALA A 144 1.91 16.88 -16.42
CA ALA A 144 2.88 17.96 -16.29
C ALA A 144 4.20 17.49 -15.72
N GLY A 145 4.20 16.33 -15.04
CA GLY A 145 5.43 15.71 -14.56
C GLY A 145 5.97 14.68 -15.54
N ASP A 146 6.31 13.47 -15.05
CA ASP A 146 6.94 12.50 -15.92
C ASP A 146 6.00 11.33 -16.21
N TYR A 147 4.80 11.63 -16.66
CA TYR A 147 3.85 10.63 -17.09
C TYR A 147 3.25 11.01 -18.44
N ILE A 148 2.98 9.98 -19.24
CA ILE A 148 2.23 10.09 -20.48
C ILE A 148 0.94 9.31 -20.31
N ILE A 149 -0.18 9.92 -20.72
CA ILE A 149 -1.50 9.29 -20.57
C ILE A 149 -2.17 9.30 -21.93
N ILE A 150 -2.77 8.17 -22.30
CA ILE A 150 -3.68 8.15 -23.45
C ILE A 150 -4.85 7.23 -23.16
N LYS A 151 -6.04 7.59 -23.68
CA LYS A 151 -7.29 6.90 -23.35
C LYS A 151 -7.99 6.46 -24.63
N PHE A 152 -8.45 5.21 -24.65
CA PHE A 152 -9.11 4.62 -25.81
C PHE A 152 -10.53 4.23 -25.45
N TRP A 153 -11.47 4.55 -26.35
CA TRP A 153 -12.86 4.10 -26.29
C TRP A 153 -13.11 3.14 -27.45
N LEU A 154 -13.38 1.89 -27.14
CA LEU A 154 -13.63 0.87 -28.17
C LEU A 154 -15.12 0.73 -28.40
N HIS A 155 -15.55 0.83 -29.65
CA HIS A 155 -16.97 0.80 -29.97
C HIS A 155 -17.28 -0.30 -30.98
N VAL A 156 -18.45 -0.94 -30.81
CA VAL A 156 -18.95 -1.95 -31.73
C VAL A 156 -20.43 -1.72 -31.95
N SER A 157 -20.97 -2.29 -33.02
CA SER A 157 -22.42 -2.18 -33.20
C SER A 157 -23.14 -3.14 -32.23
N ASP A 158 -24.42 -2.83 -31.97
CA ASP A 158 -25.19 -3.67 -31.06
C ASP A 158 -25.30 -5.10 -31.56
N GLU A 159 -25.38 -5.28 -32.88
CA GLU A 159 -25.46 -6.62 -33.46
C GLU A 159 -24.14 -7.36 -33.29
N GLU A 160 -23.02 -6.68 -33.56
CA GLU A 160 -21.72 -7.28 -33.33
C GLU A 160 -21.53 -7.61 -31.86
N GLN A 161 -21.99 -6.73 -30.97
CA GLN A 161 -21.90 -7.01 -29.54
C GLN A 161 -22.72 -8.24 -29.16
N LEU A 162 -23.93 -8.38 -29.70
CA LEU A 162 -24.72 -9.56 -29.39
C LEU A 162 -24.03 -10.83 -29.89
N LYS A 163 -23.51 -10.78 -31.12
CA LYS A 163 -22.75 -11.89 -31.67
C LYS A 163 -21.59 -12.28 -30.77
N ARG A 164 -20.86 -11.29 -30.24
CA ARG A 164 -19.74 -11.60 -29.36
C ARG A 164 -20.19 -12.09 -28.00
N PHE A 165 -21.31 -11.57 -27.48
CA PHE A 165 -21.88 -12.11 -26.24
C PHE A 165 -22.14 -13.60 -26.40
N LYS A 166 -22.80 -13.97 -27.50
CA LYS A 166 -23.13 -15.38 -27.71
C LYS A 166 -21.89 -16.23 -27.92
N GLU A 167 -20.89 -15.72 -28.67
CA GLU A 167 -19.70 -16.54 -28.90
C GLU A 167 -18.87 -16.70 -27.62
N ARG A 168 -18.94 -15.75 -26.70
CA ARG A 168 -18.25 -15.93 -25.42
C ARG A 168 -18.95 -16.96 -24.53
N GLU A 169 -20.27 -17.07 -24.61
CA GLU A 169 -20.94 -18.09 -23.79
C GLU A 169 -20.53 -19.50 -24.17
N GLN A 170 -19.94 -19.69 -25.36
CA GLN A 170 -19.36 -20.96 -25.76
C GLN A 170 -17.84 -20.98 -25.61
N ASN A 171 -17.22 -19.86 -25.25
CA ASN A 171 -15.78 -19.84 -25.01
C ASN A 171 -15.50 -20.64 -23.74
N PRO A 172 -14.79 -21.76 -23.82
CA PRO A 172 -14.58 -22.58 -22.60
C PRO A 172 -13.97 -21.81 -21.45
N TYR A 173 -13.08 -20.85 -21.74
CA TYR A 173 -12.43 -20.05 -20.70
C TYR A 173 -13.25 -18.84 -20.29
N LYS A 174 -14.07 -18.28 -21.18
CA LYS A 174 -14.88 -17.11 -20.84
C LYS A 174 -16.21 -17.48 -20.20
N SER A 175 -16.76 -18.64 -20.56
CA SER A 175 -18.14 -18.96 -20.23
C SER A 175 -18.40 -18.95 -18.73
N TRP A 176 -17.50 -19.55 -17.95
CA TRP A 176 -17.75 -19.75 -16.52
C TRP A 176 -17.98 -18.44 -15.78
N LYS A 177 -17.40 -17.34 -16.27
CA LYS A 177 -17.55 -16.06 -15.60
C LYS A 177 -18.99 -15.55 -15.72
N LEU A 178 -19.42 -14.81 -14.71
CA LEU A 178 -20.76 -14.24 -14.73
C LEU A 178 -20.80 -13.00 -15.61
N THR A 179 -21.97 -12.77 -16.21
CA THR A 179 -22.10 -11.72 -17.22
C THR A 179 -23.39 -10.91 -17.05
N ASP A 180 -24.07 -10.99 -15.90
CA ASP A 180 -25.31 -10.26 -15.73
C ASP A 180 -25.11 -8.75 -15.94
N GLU A 181 -24.00 -8.22 -15.43
CA GLU A 181 -23.73 -6.80 -15.61
C GLU A 181 -23.66 -6.45 -17.10
N ASP A 182 -23.10 -7.36 -17.91
CA ASP A 182 -22.95 -7.10 -19.33
C ASP A 182 -24.31 -6.92 -20.02
N TRP A 183 -25.29 -7.76 -19.69
CA TRP A 183 -26.63 -7.58 -20.26
C TRP A 183 -27.32 -6.35 -19.71
N ARG A 184 -27.11 -6.02 -18.44
CA ARG A 184 -27.63 -4.77 -17.89
C ARG A 184 -27.11 -3.56 -18.66
N ASN A 185 -25.79 -3.53 -18.88
CA ASN A 185 -25.17 -2.42 -19.58
C ASN A 185 -25.62 -2.35 -21.03
N ARG A 186 -25.78 -3.52 -21.67
CA ARG A 186 -26.29 -3.54 -23.03
C ARG A 186 -27.70 -2.96 -23.08
N GLU A 187 -28.52 -3.20 -22.05
CA GLU A 187 -29.85 -2.63 -22.10
C GLU A 187 -29.80 -1.11 -21.97
N LYS A 188 -28.76 -0.59 -21.31
CA LYS A 188 -28.64 0.86 -21.15
C LYS A 188 -27.68 1.52 -22.16
N SER A 189 -27.28 0.80 -23.21
CA SER A 189 -26.37 1.37 -24.21
C SER A 189 -26.70 2.78 -24.75
N PRO A 190 -27.96 3.19 -25.01
CA PRO A 190 -28.17 4.57 -25.48
C PRO A 190 -27.65 5.61 -24.49
N GLN A 191 -27.89 5.38 -23.20
CA GLN A 191 -27.36 6.25 -22.16
C GLN A 191 -25.84 6.20 -22.11
N TYR A 192 -25.23 5.04 -22.37
CA TYR A 192 -23.77 5.01 -22.40
C TYR A 192 -23.24 5.84 -23.56
N ILE A 193 -23.92 5.83 -24.70
CA ILE A 193 -23.47 6.66 -25.81
C ILE A 193 -23.54 8.14 -25.45
N GLU A 194 -24.65 8.56 -24.82
CA GLU A 194 -24.76 9.94 -24.34
C GLU A 194 -23.66 10.28 -23.32
N ALA A 195 -23.44 9.39 -22.36
CA ALA A 195 -22.49 9.67 -21.29
C ALA A 195 -21.06 9.75 -21.83
N ALA A 196 -20.70 8.83 -22.73
CA ALA A 196 -19.36 8.82 -23.30
C ALA A 196 -19.15 10.04 -24.19
N ASN A 197 -20.18 10.48 -24.92
CA ASN A 197 -20.02 11.69 -25.71
C ASN A 197 -19.76 12.90 -24.81
N GLU A 198 -20.50 13.03 -23.71
CA GLU A 198 -20.22 14.14 -22.80
C GLU A 198 -18.79 14.04 -22.26
N MET A 199 -18.35 12.82 -21.94
CA MET A 199 -16.97 12.58 -21.51
C MET A 199 -15.96 13.06 -22.55
N PHE A 200 -16.16 12.69 -23.82
CA PHE A 200 -15.25 13.12 -24.89
C PHE A 200 -15.23 14.62 -25.03
N GLU A 201 -16.40 15.26 -24.93
CA GLU A 201 -16.44 16.70 -25.06
C GLU A 201 -15.64 17.37 -23.95
N LYS A 202 -15.67 16.81 -22.74
CA LYS A 202 -15.08 17.55 -21.62
C LYS A 202 -13.67 17.12 -21.24
N THR A 203 -13.19 15.93 -21.66
CA THR A 203 -11.91 15.43 -21.18
C THR A 203 -10.98 14.97 -22.28
N ASP A 204 -11.20 15.38 -23.53
CA ASP A 204 -10.26 15.09 -24.62
C ASP A 204 -9.27 16.24 -24.66
N LYS A 205 -8.10 16.05 -24.07
CA LYS A 205 -7.11 17.11 -23.93
C LYS A 205 -5.83 16.69 -24.64
N LYS A 206 -5.06 17.69 -25.09
CA LYS A 206 -3.84 17.41 -25.82
C LYS A 206 -2.84 16.62 -24.98
N ASN A 207 -2.81 16.86 -23.66
CA ASN A 207 -1.93 16.12 -22.77
C ASN A 207 -2.50 14.77 -22.36
N ALA A 208 -3.76 14.49 -22.69
CA ALA A 208 -4.41 13.23 -22.39
C ALA A 208 -5.57 12.96 -23.36
N PRO A 209 -5.27 12.56 -24.58
CA PRO A 209 -6.32 12.48 -25.60
C PRO A 209 -7.18 11.24 -25.50
N TRP A 210 -8.40 11.38 -26.02
CA TRP A 210 -9.29 10.25 -26.29
C TRP A 210 -9.09 9.81 -27.73
N VAL A 211 -9.06 8.51 -27.91
CA VAL A 211 -8.98 7.86 -29.22
C VAL A 211 -10.22 6.99 -29.36
N LEU A 212 -11.02 7.23 -30.39
CA LEU A 212 -12.22 6.45 -30.65
C LEU A 212 -11.90 5.35 -31.65
N VAL A 213 -12.09 4.09 -31.25
CA VAL A 213 -11.66 2.92 -32.01
C VAL A 213 -12.89 2.17 -32.51
N ALA A 214 -13.04 2.08 -33.82
CA ALA A 214 -14.09 1.25 -34.38
C ALA A 214 -13.70 -0.21 -34.21
N GLY A 215 -14.49 -0.97 -33.45
CA GLY A 215 -14.05 -2.28 -33.00
C GLY A 215 -14.72 -3.48 -33.63
N ASN A 216 -15.57 -3.31 -34.64
CA ASN A 216 -16.19 -4.46 -35.29
C ASN A 216 -15.13 -5.38 -35.88
N ASP A 217 -14.10 -4.81 -36.49
CA ASP A 217 -12.97 -5.60 -36.97
C ASP A 217 -11.89 -5.56 -35.90
N LYS A 218 -11.67 -6.71 -35.24
CA LYS A 218 -10.72 -6.76 -34.15
C LYS A 218 -9.31 -6.44 -34.63
N LYS A 219 -8.96 -6.91 -35.84
CA LYS A 219 -7.60 -6.69 -36.33
C LYS A 219 -7.34 -5.20 -36.53
N TYR A 220 -8.29 -4.52 -37.18
CA TYR A 220 -8.20 -3.07 -37.34
C TYR A 220 -8.03 -2.37 -36.00
N ALA A 221 -8.86 -2.77 -35.02
CA ALA A 221 -8.84 -2.13 -33.71
C ALA A 221 -7.49 -2.30 -33.01
N ARG A 222 -6.92 -3.51 -33.07
CA ARG A 222 -5.64 -3.78 -32.41
C ARG A 222 -4.53 -2.94 -33.04
N VAL A 223 -4.49 -2.89 -34.38
CA VAL A 223 -3.48 -2.08 -35.05
C VAL A 223 -3.66 -0.61 -34.73
N GLN A 224 -4.91 -0.15 -34.62
CA GLN A 224 -5.13 1.26 -34.31
C GLN A 224 -4.66 1.59 -32.90
N VAL A 225 -4.95 0.74 -31.92
CA VAL A 225 -4.49 1.00 -30.56
C VAL A 225 -2.96 1.09 -30.51
N LEU A 226 -2.28 0.13 -31.17
CA LEU A 226 -0.82 0.16 -31.18
C LEU A 226 -0.29 1.43 -31.87
N GLN A 227 -0.83 1.75 -33.04
CA GLN A 227 -0.36 2.91 -33.79
C GLN A 227 -0.55 4.20 -33.01
N GLU A 228 -1.74 4.37 -32.40
CA GLU A 228 -2.04 5.61 -31.68
C GLU A 228 -1.20 5.73 -30.42
N THR A 229 -0.97 4.62 -29.71
CA THR A 229 -0.09 4.64 -28.55
C THR A 229 1.31 5.11 -28.95
N LEU A 230 1.87 4.50 -30.00
CA LEU A 230 3.24 4.86 -30.40
C LEU A 230 3.34 6.29 -30.91
N ALA A 231 2.32 6.75 -31.65
CA ALA A 231 2.34 8.12 -32.14
C ALA A 231 2.30 9.12 -31.01
N HIS A 232 1.46 8.87 -29.99
CA HIS A 232 1.40 9.78 -28.87
C HIS A 232 2.72 9.80 -28.10
N ILE A 233 3.32 8.63 -27.90
CA ILE A 233 4.62 8.58 -27.22
C ILE A 233 5.65 9.38 -27.98
N GLU A 234 5.65 9.27 -29.32
CA GLU A 234 6.60 10.04 -30.13
C GLU A 234 6.41 11.53 -29.96
N ARG A 235 5.17 12.01 -30.06
CA ARG A 235 4.91 13.44 -29.88
C ARG A 235 5.31 13.92 -28.49
N GLU A 236 4.99 13.14 -27.45
CA GLU A 236 5.29 13.59 -26.09
C GLU A 236 6.79 13.63 -25.86
N ALA A 237 7.50 12.66 -26.42
CA ALA A 237 8.96 12.68 -26.36
C ALA A 237 9.49 13.95 -27.00
N LEU A 238 9.00 14.28 -28.19
CA LEU A 238 9.48 15.49 -28.85
C LEU A 238 9.23 16.71 -27.97
N LYS A 239 8.06 16.79 -27.35
CA LYS A 239 7.76 17.91 -26.46
C LYS A 239 8.70 17.95 -25.26
N ARG A 240 9.27 16.82 -24.86
CA ARG A 240 10.19 16.85 -23.72
C ARG A 240 11.64 17.06 -24.13
N GLY A 241 11.89 17.36 -25.41
CA GLY A 241 13.25 17.49 -25.87
C GLY A 241 13.96 16.16 -26.05
N LEU A 242 13.21 15.07 -26.16
CA LEU A 242 13.72 13.71 -26.31
C LEU A 242 13.35 13.15 -27.68
N HIS A 243 14.05 12.08 -28.08
CA HIS A 243 13.87 11.49 -29.40
C HIS A 243 13.56 10.01 -29.27
N LEU A 244 12.38 9.59 -29.73
CA LEU A 244 12.07 8.17 -29.77
C LEU A 244 12.56 7.62 -31.11
N THR A 245 13.48 6.67 -31.04
CA THR A 245 14.19 6.18 -32.21
C THR A 245 13.98 4.68 -32.34
N ASN A 246 13.67 4.23 -33.55
CA ASN A 246 13.73 2.80 -33.89
C ASN A 246 15.19 2.37 -34.01
N MET B 1 22.54 -38.84 -1.21
CA MET B 1 21.32 -38.33 -0.59
C MET B 1 20.41 -37.70 -1.63
N THR B 2 19.13 -37.63 -1.29
CA THR B 2 18.13 -37.10 -2.21
C THR B 2 17.97 -35.58 -2.11
N GLN B 3 18.74 -34.92 -1.26
CA GLN B 3 18.90 -33.48 -1.35
C GLN B 3 19.36 -33.09 -2.76
N ASN B 4 18.74 -32.05 -3.33
CA ASN B 4 19.10 -31.60 -4.67
C ASN B 4 20.39 -30.79 -4.62
N ILE B 5 21.23 -30.95 -5.64
CA ILE B 5 22.44 -30.14 -5.79
C ILE B 5 22.69 -29.89 -7.27
N LYS B 6 23.20 -28.68 -7.56
CA LYS B 6 23.49 -28.30 -8.94
C LYS B 6 24.53 -29.22 -9.60
N ASN B 7 25.43 -29.83 -8.82
CA ASN B 7 26.43 -30.71 -9.41
C ASN B 7 25.82 -31.95 -10.05
N LEU B 8 24.57 -32.28 -9.72
CA LEU B 8 23.87 -33.45 -10.26
C LEU B 8 23.07 -33.12 -11.50
N ASP B 9 23.01 -31.85 -11.87
CA ASP B 9 22.24 -31.37 -13.00
C ASP B 9 23.01 -31.69 -14.26
N LEU B 10 22.35 -32.29 -15.24
CA LEU B 10 22.99 -32.58 -16.52
C LEU B 10 22.76 -31.39 -17.45
N SER B 11 23.78 -30.55 -17.59
CA SER B 11 23.68 -29.37 -18.43
C SER B 11 23.78 -29.65 -19.93
N ILE B 12 23.89 -30.92 -20.34
CA ILE B 12 23.95 -31.21 -21.79
C ILE B 12 22.60 -31.52 -22.40
N GLU B 13 21.58 -31.78 -21.58
CA GLU B 13 20.25 -32.11 -22.10
C GLU B 13 19.69 -30.99 -22.96
N LEU B 14 19.02 -31.38 -24.04
CA LEU B 14 18.51 -30.46 -25.05
C LEU B 14 17.15 -30.95 -25.55
N ASP B 15 16.46 -30.09 -26.31
CA ASP B 15 15.16 -30.39 -26.90
C ASP B 15 15.09 -29.86 -28.32
N LYS B 16 14.41 -30.61 -29.20
CA LYS B 16 14.37 -30.44 -30.65
C LYS B 16 13.22 -29.61 -31.21
N LYS B 17 12.63 -30.10 -32.33
CA LYS B 17 11.53 -29.48 -33.06
C LYS B 17 10.16 -29.74 -32.46
N MET B 18 10.05 -30.62 -31.49
CA MET B 18 8.81 -30.84 -30.76
C MET B 18 8.53 -29.70 -29.78
N TYR B 19 9.38 -28.68 -29.85
CA TYR B 19 9.23 -27.53 -28.96
C TYR B 19 7.98 -26.72 -29.29
N LYS B 20 7.71 -26.46 -30.58
CA LYS B 20 6.57 -25.62 -30.95
C LYS B 20 5.25 -26.23 -30.48
N LYS B 21 5.06 -27.52 -30.78
CA LYS B 21 3.84 -28.21 -30.41
C LYS B 21 3.65 -28.22 -28.90
N LYS B 22 4.65 -28.74 -28.19
CA LYS B 22 4.58 -28.84 -26.74
C LYS B 22 4.37 -27.47 -26.11
N LEU B 23 5.04 -26.45 -26.64
CA LEU B 23 4.94 -25.11 -26.08
C LEU B 23 3.54 -24.55 -26.20
N LYS B 24 2.95 -24.63 -27.40
CA LYS B 24 1.60 -24.08 -27.56
C LYS B 24 0.61 -24.84 -26.69
N VAL B 25 0.72 -26.16 -26.65
CA VAL B 25 -0.18 -26.96 -25.82
C VAL B 25 -0.04 -26.57 -24.34
N LEU B 26 1.19 -26.49 -23.84
CA LEU B 26 1.41 -26.22 -22.43
C LEU B 26 1.00 -24.79 -22.06
N GLN B 27 1.15 -23.84 -22.99
CA GLN B 27 0.73 -22.47 -22.73
C GLN B 27 -0.78 -22.36 -22.63
N TYR B 28 -1.51 -23.06 -23.51
CA TYR B 28 -2.95 -23.06 -23.35
C TYR B 28 -3.36 -23.79 -22.08
N GLU B 29 -2.63 -24.84 -21.68
CA GLU B 29 -2.90 -25.49 -20.41
C GLU B 29 -2.69 -24.53 -19.25
N MET B 30 -1.70 -23.64 -19.36
CA MET B 30 -1.45 -22.66 -18.31
C MET B 30 -2.60 -21.65 -18.25
N LEU B 31 -3.16 -21.29 -19.40
CA LEU B 31 -4.37 -20.48 -19.40
C LEU B 31 -5.49 -21.19 -18.65
N ASN B 32 -5.65 -22.48 -18.92
CA ASN B 32 -6.67 -23.27 -18.22
C ASN B 32 -6.43 -23.27 -16.72
N ALA B 33 -5.16 -23.44 -16.31
CA ALA B 33 -4.81 -23.40 -14.90
C ALA B 33 -5.15 -22.05 -14.28
N GLN B 34 -4.89 -20.96 -15.00
CA GLN B 34 -5.26 -19.64 -14.46
C GLN B 34 -6.75 -19.56 -14.18
N GLN B 35 -7.57 -20.02 -15.15
CA GLN B 35 -9.01 -19.94 -14.96
C GLN B 35 -9.45 -20.83 -13.79
N PHE B 36 -8.84 -22.00 -13.67
CA PHE B 36 -9.12 -22.88 -12.54
C PHE B 36 -8.81 -22.19 -11.21
N LEU B 37 -7.60 -21.63 -11.09
CA LEU B 37 -7.21 -20.99 -9.83
C LEU B 37 -8.10 -19.81 -9.51
N LEU B 38 -8.51 -19.04 -10.53
CA LEU B 38 -9.41 -17.91 -10.30
C LEU B 38 -10.75 -18.38 -9.78
N LYS B 39 -11.34 -19.38 -10.45
CA LYS B 39 -12.64 -19.88 -10.00
C LYS B 39 -12.57 -20.39 -8.57
N ASN B 40 -11.48 -21.05 -8.19
CA ASN B 40 -11.39 -21.62 -6.85
C ASN B 40 -10.70 -20.69 -5.85
N LYS B 41 -10.36 -19.48 -6.26
CA LYS B 41 -9.75 -18.47 -5.38
C LYS B 41 -8.48 -19.01 -4.71
N ILE B 42 -7.62 -19.62 -5.51
CA ILE B 42 -6.31 -20.07 -5.04
C ILE B 42 -5.25 -19.23 -5.72
N GLY B 43 -4.45 -18.52 -4.95
CA GLY B 43 -3.37 -17.75 -5.52
C GLY B 43 -2.16 -18.61 -5.88
N LEU B 44 -1.35 -18.12 -6.82
CA LEU B 44 -0.19 -18.85 -7.29
C LEU B 44 1.03 -17.94 -7.16
N ILE B 45 2.10 -18.47 -6.58
CA ILE B 45 3.35 -17.75 -6.35
C ILE B 45 4.46 -18.56 -7.01
N LEU B 46 5.07 -17.98 -8.03
CA LEU B 46 6.16 -18.59 -8.77
C LEU B 46 7.43 -17.80 -8.46
N VAL B 47 8.46 -18.47 -7.97
CA VAL B 47 9.73 -17.84 -7.65
C VAL B 47 10.76 -18.28 -8.68
N PHE B 48 11.55 -17.32 -9.18
CA PHE B 48 12.63 -17.61 -10.11
C PHE B 48 13.94 -17.06 -9.55
N GLU B 49 14.91 -17.93 -9.35
CA GLU B 49 16.27 -17.59 -8.97
C GLU B 49 17.20 -18.30 -9.94
N GLY B 50 18.48 -17.96 -9.89
CA GLY B 50 19.46 -18.64 -10.70
C GLY B 50 20.64 -17.74 -11.00
N MET B 51 21.49 -18.24 -11.90
CA MET B 51 22.63 -17.49 -12.38
C MET B 51 22.20 -16.34 -13.28
N ASP B 52 23.06 -15.33 -13.37
CA ASP B 52 22.86 -14.25 -14.33
C ASP B 52 22.80 -14.82 -15.75
N ALA B 53 21.81 -14.35 -16.52
CA ALA B 53 21.57 -14.75 -17.91
C ALA B 53 21.21 -16.22 -18.07
N ALA B 54 20.76 -16.89 -17.01
CA ALA B 54 20.38 -18.30 -17.15
C ALA B 54 19.05 -18.49 -17.87
N GLY B 55 18.30 -17.43 -18.13
CA GLY B 55 17.06 -17.50 -18.88
C GLY B 55 15.76 -17.31 -18.10
N LYS B 56 15.79 -16.62 -16.96
CA LYS B 56 14.60 -16.46 -16.13
C LYS B 56 13.53 -15.67 -16.86
N GLY B 57 13.92 -14.54 -17.45
CA GLY B 57 12.95 -13.70 -18.14
C GLY B 57 12.28 -14.41 -19.30
N GLY B 58 13.05 -15.12 -20.11
CA GLY B 58 12.45 -15.84 -21.23
C GLY B 58 11.50 -16.93 -20.76
N ALA B 59 11.87 -17.62 -19.68
CA ALA B 59 11.02 -18.67 -19.11
C ALA B 59 9.71 -18.09 -18.61
N ILE B 60 9.80 -17.00 -17.85
CA ILE B 60 8.61 -16.31 -17.35
C ILE B 60 7.70 -15.90 -18.52
N LYS B 61 8.28 -15.30 -19.57
CA LYS B 61 7.46 -14.83 -20.67
C LYS B 61 6.75 -15.99 -21.37
N ARG B 62 7.46 -17.12 -21.56
CA ARG B 62 6.80 -18.24 -22.23
C ARG B 62 5.71 -18.82 -21.33
N LEU B 63 5.91 -18.77 -20.01
CA LEU B 63 4.89 -19.28 -19.09
C LEU B 63 3.61 -18.45 -19.14
N ILE B 64 3.72 -17.13 -19.23
CA ILE B 64 2.52 -16.28 -19.11
C ILE B 64 2.00 -15.79 -20.46
N GLU B 65 2.51 -16.32 -21.57
CA GLU B 65 2.20 -15.74 -22.87
C GLU B 65 0.70 -15.78 -23.19
N ARG B 66 0.02 -16.87 -22.85
CA ARG B 66 -1.39 -17.01 -23.16
C ARG B 66 -2.27 -16.83 -21.93
N VAL B 67 -1.69 -16.36 -20.85
CA VAL B 67 -2.41 -16.09 -19.62
C VAL B 67 -2.96 -14.67 -19.69
N ASP B 68 -4.14 -14.45 -19.14
CA ASP B 68 -4.75 -13.12 -19.16
C ASP B 68 -3.95 -12.18 -18.27
N PRO B 69 -3.40 -11.08 -18.81
CA PRO B 69 -2.58 -10.17 -17.98
C PRO B 69 -3.37 -9.43 -16.91
N ARG B 70 -4.69 -9.49 -16.94
CA ARG B 70 -5.43 -8.88 -15.87
C ARG B 70 -5.34 -9.71 -14.60
N GLY B 71 -4.68 -10.87 -14.66
CA GLY B 71 -4.58 -11.71 -13.49
C GLY B 71 -3.17 -12.04 -13.02
N TYR B 72 -2.14 -11.31 -13.46
CA TYR B 72 -0.79 -11.57 -12.96
C TYR B 72 -0.01 -10.28 -12.78
N VAL B 73 1.05 -10.38 -11.97
CA VAL B 73 2.05 -9.33 -11.82
C VAL B 73 3.41 -10.02 -11.73
N VAL B 74 4.36 -9.56 -12.55
CA VAL B 74 5.74 -10.05 -12.49
C VAL B 74 6.60 -8.99 -11.81
N HIS B 75 7.19 -9.34 -10.65
CA HIS B 75 7.95 -8.40 -9.83
C HIS B 75 9.45 -8.59 -10.05
N PRO B 76 10.19 -7.58 -10.55
CA PRO B 76 11.65 -7.67 -10.59
C PRO B 76 12.23 -7.22 -9.26
N ILE B 77 12.87 -8.15 -8.56
CA ILE B 77 13.32 -7.91 -7.19
C ILE B 77 14.82 -7.61 -7.19
N SER B 78 15.19 -6.50 -6.55
CA SER B 78 16.57 -6.14 -6.30
C SER B 78 16.83 -6.19 -4.80
N ALA B 79 18.10 -5.99 -4.44
CA ALA B 79 18.50 -6.00 -3.04
C ALA B 79 17.80 -4.88 -2.27
N PRO B 80 17.53 -5.08 -0.98
CA PRO B 80 16.80 -4.08 -0.20
C PRO B 80 17.50 -2.73 -0.19
N GLN B 81 16.71 -1.67 -0.42
CA GLN B 81 17.09 -0.28 -0.38
C GLN B 81 16.75 0.32 0.98
N PRO B 82 17.33 1.49 1.32
CA PRO B 82 17.06 2.10 2.64
C PRO B 82 15.59 2.15 3.03
N HIS B 83 14.69 2.50 2.11
CA HIS B 83 13.28 2.56 2.51
C HIS B 83 12.75 1.17 2.85
N GLU B 84 13.31 0.13 2.22
CA GLU B 84 12.88 -1.24 2.57
C GLU B 84 13.55 -1.71 3.86
N LEU B 85 14.75 -1.21 4.18
CA LEU B 85 15.40 -1.61 5.42
C LEU B 85 14.72 -1.05 6.67
N ARG B 86 13.69 -0.22 6.52
CA ARG B 86 12.91 0.25 7.65
C ARG B 86 12.02 -0.83 8.25
N TYR B 87 11.85 -1.97 7.57
CA TYR B 87 10.98 -3.04 8.01
C TYR B 87 11.77 -4.34 8.04
N ASN B 88 11.18 -5.37 8.66
CA ASN B 88 11.69 -6.73 8.50
C ASN B 88 11.76 -7.07 7.01
N TYR B 89 12.74 -7.91 6.65
CA TYR B 89 13.04 -8.14 5.24
C TYR B 89 11.92 -8.86 4.49
N LEU B 90 10.96 -9.48 5.18
CA LEU B 90 9.83 -10.09 4.47
C LEU B 90 8.66 -9.15 4.25
N GLN B 91 8.69 -7.92 4.83
CA GLN B 91 7.54 -7.03 4.72
C GLN B 91 7.21 -6.69 3.26
N ARG B 92 8.23 -6.38 2.46
CA ARG B 92 7.99 -6.02 1.05
C ARG B 92 7.30 -7.16 0.30
N PHE B 93 7.60 -8.41 0.65
CA PHE B 93 7.01 -9.53 -0.06
C PHE B 93 5.59 -9.80 0.41
N TRP B 94 5.31 -9.59 1.70
CA TRP B 94 3.92 -9.62 2.13
C TRP B 94 3.13 -8.54 1.43
N ARG B 95 3.75 -7.38 1.15
CA ARG B 95 3.06 -6.36 0.40
C ARG B 95 2.83 -6.78 -1.04
N LYS B 96 3.65 -7.67 -1.58
CA LYS B 96 3.53 -8.04 -2.99
C LYS B 96 2.77 -9.35 -3.23
N LEU B 97 2.15 -9.91 -2.20
CA LEU B 97 1.45 -11.19 -2.33
C LEU B 97 0.21 -11.06 -3.21
N PRO B 98 -0.08 -12.07 -4.03
CA PRO B 98 -1.31 -12.03 -4.83
C PRO B 98 -2.53 -12.22 -3.94
N GLN B 99 -3.65 -11.64 -4.38
CA GLN B 99 -4.93 -11.99 -3.79
C GLN B 99 -5.28 -13.43 -4.18
N HIS B 100 -6.10 -14.06 -3.35
CA HIS B 100 -6.59 -15.40 -3.65
C HIS B 100 -7.13 -15.43 -5.06
N GLY B 101 -6.59 -16.32 -5.89
CA GLY B 101 -7.01 -16.41 -7.26
C GLY B 101 -6.10 -15.70 -8.25
N GLN B 102 -5.19 -14.86 -7.79
CA GLN B 102 -4.28 -14.13 -8.67
C GLN B 102 -2.91 -14.81 -8.70
N ILE B 103 -2.08 -14.37 -9.64
CA ILE B 103 -0.76 -14.92 -9.86
C ILE B 103 0.27 -13.83 -9.62
N ALA B 104 1.30 -14.17 -8.85
CA ALA B 104 2.47 -13.31 -8.63
C ALA B 104 3.72 -14.09 -8.99
N VAL B 105 4.54 -13.50 -9.86
CA VAL B 105 5.82 -14.07 -10.27
C VAL B 105 6.91 -13.16 -9.72
N PHE B 106 7.93 -13.77 -9.11
CA PHE B 106 9.04 -13.04 -8.52
C PHE B 106 10.31 -13.41 -9.27
N ASP B 107 10.78 -12.47 -10.09
CA ASP B 107 12.09 -12.53 -10.72
C ASP B 107 13.09 -12.13 -9.64
N ARG B 108 13.68 -13.13 -8.99
CA ARG B 108 14.40 -13.00 -7.72
C ARG B 108 13.39 -12.68 -6.63
N SER B 109 13.73 -12.93 -5.36
CA SER B 109 12.68 -12.97 -4.35
C SER B 109 13.31 -12.83 -2.96
N TRP B 110 12.57 -13.26 -1.93
CA TRP B 110 13.08 -13.28 -0.57
C TRP B 110 14.34 -14.15 -0.40
N TYR B 111 14.56 -15.13 -1.28
CA TYR B 111 15.78 -15.94 -1.19
C TYR B 111 17.06 -15.12 -1.39
N GLY B 112 16.95 -13.88 -1.88
CA GLY B 112 18.11 -12.99 -1.84
C GLY B 112 18.73 -12.92 -0.46
N ARG B 113 17.91 -13.10 0.58
CA ARG B 113 18.41 -13.11 1.96
C ARG B 113 19.51 -14.15 2.17
N VAL B 114 19.47 -15.28 1.46
CA VAL B 114 20.48 -16.32 1.61
C VAL B 114 21.33 -16.48 0.37
N LEU B 115 21.21 -15.55 -0.59
CA LEU B 115 22.00 -15.61 -1.81
C LEU B 115 22.85 -14.35 -1.86
N VAL B 116 22.44 -13.32 -2.61
CA VAL B 116 23.28 -12.14 -2.79
C VAL B 116 23.56 -11.48 -1.44
N GLU B 117 22.56 -11.43 -0.55
CA GLU B 117 22.75 -10.77 0.74
C GLU B 117 23.74 -11.53 1.62
N ARG B 118 23.78 -12.85 1.49
CA ARG B 118 24.80 -13.63 2.21
C ARG B 118 26.18 -13.37 1.61
N ILE B 119 26.30 -13.44 0.29
CA ILE B 119 27.60 -13.41 -0.36
C ILE B 119 28.23 -12.02 -0.28
N GLU B 120 27.42 -10.97 -0.39
CA GLU B 120 27.94 -9.62 -0.30
C GLU B 120 28.03 -9.11 1.13
N GLY B 121 27.56 -9.87 2.11
CA GLY B 121 27.58 -9.43 3.49
C GLY B 121 26.49 -8.46 3.86
N PHE B 122 25.48 -8.24 2.99
CA PHE B 122 24.36 -7.38 3.38
C PHE B 122 23.64 -7.93 4.60
N ALA B 123 23.59 -9.25 4.75
CA ALA B 123 23.01 -9.90 5.91
C ALA B 123 24.14 -10.43 6.79
N THR B 124 23.97 -10.34 8.11
CA THR B 124 24.97 -10.92 9.00
C THR B 124 24.87 -12.45 8.96
N LYS B 125 25.87 -13.09 9.55
CA LYS B 125 25.92 -14.55 9.62
C LYS B 125 24.66 -15.10 10.30
N ASP B 126 24.25 -14.50 11.42
CA ASP B 126 23.05 -14.94 12.11
C ASP B 126 21.81 -14.76 11.26
N GLU B 127 21.70 -13.62 10.57
CA GLU B 127 20.51 -13.31 9.79
C GLU B 127 20.30 -14.35 8.68
N TRP B 128 21.29 -14.53 7.79
CA TRP B 128 21.07 -15.48 6.71
C TRP B 128 21.02 -16.90 7.24
N SER B 129 21.71 -17.20 8.36
CA SER B 129 21.67 -18.56 8.90
C SER B 129 20.28 -18.93 9.44
N ARG B 130 19.59 -17.97 10.07
CA ARG B 130 18.23 -18.22 10.57
C ARG B 130 17.18 -18.01 9.49
N ALA B 131 17.58 -17.39 8.38
CA ALA B 131 16.62 -17.07 7.34
C ALA B 131 16.00 -18.32 6.75
N TYR B 132 16.74 -19.43 6.69
CA TYR B 132 16.17 -20.64 6.09
C TYR B 132 14.87 -21.05 6.78
N GLU B 133 14.90 -21.16 8.11
CA GLU B 133 13.69 -21.55 8.83
C GLU B 133 12.63 -20.46 8.74
N GLU B 134 13.04 -19.18 8.83
CA GLU B 134 12.06 -18.10 8.68
C GLU B 134 11.31 -18.21 7.35
N ILE B 135 12.04 -18.48 6.27
CA ILE B 135 11.46 -18.56 4.94
C ILE B 135 10.56 -19.78 4.83
N ASN B 136 11.00 -20.92 5.40
CA ASN B 136 10.14 -22.09 5.44
C ASN B 136 8.81 -21.79 6.13
N ASN B 137 8.87 -21.05 7.25
CA ASN B 137 7.68 -20.72 8.02
C ASN B 137 6.74 -19.80 7.24
N PHE B 138 7.32 -18.81 6.55
CA PHE B 138 6.56 -17.90 5.69
C PHE B 138 5.82 -18.66 4.59
N GLU B 139 6.55 -19.50 3.84
CA GLU B 139 5.91 -20.29 2.79
C GLU B 139 4.88 -21.25 3.35
N LYS B 140 5.11 -21.75 4.58
CA LYS B 140 4.19 -22.73 5.14
C LYS B 140 2.87 -22.09 5.56
N ILE B 141 2.91 -20.91 6.18
CA ILE B 141 1.64 -20.22 6.46
C ILE B 141 0.90 -19.92 5.17
N LEU B 142 1.59 -19.53 4.10
CA LEU B 142 0.85 -19.25 2.88
C LEU B 142 0.21 -20.52 2.29
N THR B 143 0.99 -21.60 2.14
CA THR B 143 0.45 -22.76 1.43
C THR B 143 -0.54 -23.55 2.27
N ALA B 144 -0.51 -23.42 3.61
CA ALA B 144 -1.55 -24.04 4.40
C ALA B 144 -2.91 -23.39 4.14
N GLY B 145 -2.90 -22.16 3.65
CA GLY B 145 -4.14 -21.49 3.27
C GLY B 145 -4.40 -21.71 1.79
N ASP B 146 -4.68 -20.63 1.06
CA ASP B 146 -5.08 -20.78 -0.32
C ASP B 146 -4.04 -20.23 -1.29
N TYR B 147 -2.77 -20.65 -1.14
CA TYR B 147 -1.74 -20.30 -2.09
C TYR B 147 -0.97 -21.57 -2.48
N ILE B 148 -0.52 -21.60 -3.72
CA ILE B 148 0.37 -22.65 -4.20
C ILE B 148 1.69 -21.97 -4.53
N ILE B 149 2.80 -22.57 -4.13
CA ILE B 149 4.12 -21.97 -4.30
C ILE B 149 5.04 -22.96 -4.96
N ILE B 150 5.77 -22.53 -5.99
CA ILE B 150 6.88 -23.33 -6.52
C ILE B 150 8.03 -22.41 -6.90
N LYS B 151 9.26 -22.91 -6.73
CA LYS B 151 10.47 -22.12 -6.92
C LYS B 151 11.40 -22.81 -7.91
N PHE B 152 11.95 -22.03 -8.85
CA PHE B 152 12.81 -22.54 -9.91
C PHE B 152 14.20 -21.95 -9.76
N TRP B 153 15.22 -22.78 -9.89
CA TRP B 153 16.58 -22.31 -10.00
C TRP B 153 17.06 -22.63 -11.41
N LEU B 154 17.32 -21.58 -12.20
CA LEU B 154 17.78 -21.74 -13.56
C LEU B 154 19.30 -21.63 -13.59
N HIS B 155 19.97 -22.67 -14.12
CA HIS B 155 21.41 -22.78 -14.11
C HIS B 155 21.92 -22.93 -15.53
N VAL B 156 23.09 -22.34 -15.82
CA VAL B 156 23.77 -22.53 -17.10
C VAL B 156 25.25 -22.73 -16.81
N SER B 157 25.97 -23.29 -17.77
CA SER B 157 27.40 -23.44 -17.62
C SER B 157 28.09 -22.08 -17.78
N ASP B 158 29.32 -22.00 -17.27
CA ASP B 158 30.07 -20.74 -17.32
C ASP B 158 30.27 -20.29 -18.76
N GLU B 159 30.52 -21.24 -19.67
CA GLU B 159 30.74 -20.90 -21.06
C GLU B 159 29.47 -20.40 -21.72
N GLU B 160 28.34 -21.08 -21.46
CA GLU B 160 27.06 -20.64 -21.98
C GLU B 160 26.67 -19.27 -21.43
N GLN B 161 26.92 -19.03 -20.14
CA GLN B 161 26.63 -17.73 -19.56
C GLN B 161 27.45 -16.63 -20.21
N LEU B 162 28.74 -16.90 -20.47
CA LEU B 162 29.56 -15.90 -21.14
C LEU B 162 29.05 -15.60 -22.54
N LYS B 163 28.71 -16.66 -23.28
CA LYS B 163 28.14 -16.47 -24.61
C LYS B 163 26.90 -15.59 -24.55
N ARG B 164 26.06 -15.79 -23.53
CA ARG B 164 24.84 -14.96 -23.43
C ARG B 164 25.13 -13.53 -22.99
N PHE B 165 26.12 -13.31 -22.14
CA PHE B 165 26.52 -11.94 -21.82
C PHE B 165 26.91 -11.20 -23.09
N LYS B 166 27.73 -11.87 -23.92
CA LYS B 166 28.19 -11.26 -25.16
C LYS B 166 27.02 -11.01 -26.11
N GLU B 167 26.05 -11.92 -26.17
CA GLU B 167 24.92 -11.69 -27.06
C GLU B 167 24.03 -10.56 -26.55
N ARG B 168 23.97 -10.34 -25.23
CA ARG B 168 23.13 -9.27 -24.73
C ARG B 168 23.72 -7.91 -25.03
N GLU B 169 25.05 -7.78 -24.96
CA GLU B 169 25.61 -6.47 -25.30
C GLU B 169 25.48 -6.12 -26.77
N GLN B 170 25.25 -7.11 -27.65
CA GLN B 170 25.08 -6.86 -29.07
C GLN B 170 23.63 -6.67 -29.47
N ASN B 171 22.71 -6.86 -28.53
CA ASN B 171 21.29 -6.69 -28.79
C ASN B 171 20.88 -5.26 -28.48
N PRO B 172 20.34 -4.51 -29.46
CA PRO B 172 19.89 -3.14 -29.16
C PRO B 172 18.88 -3.06 -28.04
N TYR B 173 18.01 -4.05 -27.89
CA TYR B 173 16.98 -3.99 -26.85
C TYR B 173 17.56 -4.23 -25.46
N LYS B 174 18.65 -4.98 -25.35
CA LYS B 174 19.20 -5.33 -24.05
C LYS B 174 20.48 -4.57 -23.70
N SER B 175 21.23 -4.10 -24.70
CA SER B 175 22.52 -3.50 -24.44
C SER B 175 22.44 -2.22 -23.60
N TRP B 176 21.26 -1.65 -23.42
CA TRP B 176 21.13 -0.44 -22.62
C TRP B 176 21.07 -0.72 -21.11
N LYS B 177 20.69 -1.95 -20.71
CA LYS B 177 20.50 -2.30 -19.30
C LYS B 177 21.28 -3.58 -18.98
N LEU B 178 22.61 -3.49 -19.07
CA LEU B 178 23.50 -4.56 -18.63
C LEU B 178 24.61 -3.92 -17.80
N THR B 179 24.78 -4.38 -16.56
CA THR B 179 25.70 -3.78 -15.62
C THR B 179 27.01 -4.55 -15.56
N ASP B 180 28.05 -3.86 -15.11
CA ASP B 180 29.31 -4.54 -14.90
C ASP B 180 29.26 -5.49 -13.72
N GLU B 181 28.30 -5.33 -12.81
CA GLU B 181 28.21 -6.21 -11.65
C GLU B 181 27.97 -7.66 -12.05
N ASP B 182 27.23 -7.90 -13.14
CA ASP B 182 27.09 -9.27 -13.59
C ASP B 182 28.44 -9.85 -13.96
N TRP B 183 29.27 -9.05 -14.62
CA TRP B 183 30.62 -9.48 -14.91
C TRP B 183 31.44 -9.69 -13.64
N ARG B 184 31.24 -8.83 -12.64
CA ARG B 184 31.92 -9.00 -11.35
C ARG B 184 31.54 -10.32 -10.68
N ASN B 185 30.23 -10.61 -10.61
CA ASN B 185 29.69 -11.80 -9.97
C ASN B 185 30.07 -13.10 -10.68
N ARG B 186 30.42 -13.02 -11.98
CA ARG B 186 30.93 -14.23 -12.62
C ARG B 186 32.08 -14.82 -11.83
N GLU B 187 32.91 -13.96 -11.21
CA GLU B 187 34.02 -14.43 -10.40
C GLU B 187 33.56 -15.05 -9.07
N LYS B 188 32.37 -14.69 -8.59
CA LYS B 188 31.85 -15.22 -7.33
C LYS B 188 30.88 -16.38 -7.54
N SER B 189 30.74 -16.84 -8.78
CA SER B 189 29.88 -18.00 -9.04
C SER B 189 30.10 -19.20 -8.11
N PRO B 190 31.32 -19.60 -7.72
CA PRO B 190 31.45 -20.72 -6.77
C PRO B 190 30.74 -20.48 -5.45
N GLN B 191 30.84 -19.26 -4.92
CA GLN B 191 30.13 -18.93 -3.68
C GLN B 191 28.63 -19.01 -3.87
N TYR B 192 28.14 -18.58 -5.03
CA TYR B 192 26.70 -18.67 -5.29
C TYR B 192 26.26 -20.11 -5.38
N ILE B 193 27.09 -20.98 -5.96
CA ILE B 193 26.73 -22.39 -6.05
C ILE B 193 26.65 -23.03 -4.66
N GLU B 194 27.64 -22.76 -3.80
CA GLU B 194 27.55 -23.27 -2.43
C GLU B 194 26.30 -22.74 -1.71
N ALA B 195 26.02 -21.44 -1.85
CA ALA B 195 24.87 -20.85 -1.15
C ALA B 195 23.57 -21.44 -1.68
N ALA B 196 23.48 -21.65 -2.99
CA ALA B 196 22.29 -22.23 -3.58
C ALA B 196 22.08 -23.66 -3.12
N ASN B 197 23.17 -24.45 -3.03
CA ASN B 197 23.02 -25.83 -2.58
C ASN B 197 22.56 -25.90 -1.13
N GLU B 198 23.08 -25.03 -0.27
CA GLU B 198 22.57 -25.00 1.11
C GLU B 198 21.10 -24.60 1.15
N MET B 199 20.72 -23.63 0.31
CA MET B 199 19.31 -23.25 0.18
C MET B 199 18.45 -24.45 -0.21
N PHE B 200 18.91 -25.21 -1.22
CA PHE B 200 18.17 -26.39 -1.64
C PHE B 200 18.08 -27.42 -0.53
N GLU B 201 19.14 -27.54 0.27
CA GLU B 201 19.12 -28.49 1.37
C GLU B 201 18.07 -28.11 2.40
N LYS B 202 17.91 -26.82 2.66
CA LYS B 202 17.08 -26.44 3.81
C LYS B 202 15.67 -25.98 3.48
N THR B 203 15.37 -25.60 2.24
CA THR B 203 14.06 -25.01 1.93
C THR B 203 13.35 -25.69 0.76
N ASP B 204 13.71 -26.92 0.43
CA ASP B 204 13.03 -27.70 -0.61
C ASP B 204 11.96 -28.54 0.08
N LYS B 205 10.73 -28.06 0.08
CA LYS B 205 9.65 -28.69 0.82
C LYS B 205 8.56 -29.17 -0.13
N LYS B 206 7.84 -30.22 0.29
CA LYS B 206 6.77 -30.74 -0.56
C LYS B 206 5.71 -29.68 -0.85
N ASN B 207 5.45 -28.79 0.11
CA ASN B 207 4.47 -27.73 -0.06
C ASN B 207 5.03 -26.52 -0.80
N ALA B 208 6.34 -26.48 -1.03
CA ALA B 208 6.99 -25.39 -1.76
C ALA B 208 8.29 -25.94 -2.36
N PRO B 209 8.19 -26.66 -3.46
CA PRO B 209 9.36 -27.38 -3.97
C PRO B 209 10.32 -26.48 -4.73
N TRP B 210 11.58 -26.92 -4.74
CA TRP B 210 12.60 -26.37 -5.63
C TRP B 210 12.68 -27.25 -6.86
N VAL B 211 12.71 -26.62 -8.03
CA VAL B 211 12.94 -27.32 -9.29
C VAL B 211 14.21 -26.73 -9.89
N LEU B 212 15.20 -27.59 -10.12
CA LEU B 212 16.48 -27.19 -10.71
C LEU B 212 16.42 -27.42 -12.21
N VAL B 213 16.61 -26.35 -12.97
CA VAL B 213 16.39 -26.37 -14.41
C VAL B 213 17.73 -26.16 -15.10
N ALA B 214 18.11 -27.12 -15.94
CA ALA B 214 19.26 -26.96 -16.79
C ALA B 214 18.88 -26.02 -17.93
N GLY B 215 19.58 -24.89 -18.02
CA GLY B 215 19.09 -23.85 -18.90
C GLY B 215 19.92 -23.56 -20.12
N ASN B 216 20.98 -24.35 -20.39
CA ASN B 216 21.79 -24.10 -21.57
C ASN B 216 20.92 -24.11 -22.83
N ASP B 217 19.96 -25.04 -22.92
CA ASP B 217 18.99 -25.05 -24.00
C ASP B 217 17.73 -24.35 -23.49
N LYS B 218 17.45 -23.18 -24.05
CA LYS B 218 16.32 -22.37 -23.61
C LYS B 218 15.01 -23.10 -23.81
N LYS B 219 14.90 -23.86 -24.91
CA LYS B 219 13.66 -24.55 -25.21
C LYS B 219 13.36 -25.60 -24.15
N TYR B 220 14.37 -26.41 -23.82
CA TYR B 220 14.21 -27.37 -22.75
C TYR B 220 13.80 -26.68 -21.44
N ALA B 221 14.49 -25.59 -21.09
CA ALA B 221 14.21 -24.92 -19.83
C ALA B 221 12.78 -24.38 -19.77
N ARG B 222 12.31 -23.73 -20.85
CA ARG B 222 10.97 -23.17 -20.85
C ARG B 222 9.91 -24.26 -20.74
N VAL B 223 10.10 -25.34 -21.51
CA VAL B 223 9.15 -26.45 -21.47
C VAL B 223 9.12 -27.08 -20.08
N GLN B 224 10.29 -27.13 -19.42
CA GLN B 224 10.34 -27.70 -18.07
C GLN B 224 9.62 -26.81 -17.07
N VAL B 225 9.82 -25.49 -17.17
CA VAL B 225 9.13 -24.57 -16.27
C VAL B 225 7.60 -24.75 -16.42
N LEU B 226 7.12 -24.84 -17.66
CA LEU B 226 5.68 -25.02 -17.86
C LEU B 226 5.21 -26.34 -17.28
N GLN B 227 5.91 -27.43 -17.59
CA GLN B 227 5.50 -28.77 -17.15
C GLN B 227 5.49 -28.88 -15.63
N GLU B 228 6.54 -28.40 -14.97
CA GLU B 228 6.64 -28.51 -13.52
C GLU B 228 5.63 -27.63 -12.82
N THR B 229 5.40 -26.41 -13.34
CA THR B 229 4.37 -25.57 -12.76
C THR B 229 3.02 -26.27 -12.82
N LEU B 230 2.66 -26.80 -13.99
CA LEU B 230 1.35 -27.41 -14.14
C LEU B 230 1.20 -28.66 -13.30
N ALA B 231 2.28 -29.48 -13.20
CA ALA B 231 2.22 -30.69 -12.39
C ALA B 231 2.06 -30.35 -10.91
N HIS B 232 2.79 -29.34 -10.43
CA HIS B 232 2.64 -28.95 -9.04
C HIS B 232 1.24 -28.38 -8.76
N ILE B 233 0.71 -27.57 -9.68
CA ILE B 233 -0.65 -27.04 -9.52
C ILE B 233 -1.65 -28.18 -9.41
N GLU B 234 -1.50 -29.19 -10.26
CA GLU B 234 -2.45 -30.31 -10.22
C GLU B 234 -2.33 -31.10 -8.93
N ARG B 235 -1.10 -31.37 -8.49
CA ARG B 235 -0.94 -32.12 -7.23
C ARG B 235 -1.53 -31.36 -6.05
N GLU B 236 -1.29 -30.05 -5.97
CA GLU B 236 -1.82 -29.31 -4.83
C GLU B 236 -3.34 -29.20 -4.89
N ALA B 237 -3.88 -29.03 -6.09
CA ALA B 237 -5.34 -29.05 -6.25
C ALA B 237 -5.91 -30.36 -5.76
N LEU B 238 -5.28 -31.48 -6.14
CA LEU B 238 -5.74 -32.78 -5.66
C LEU B 238 -5.71 -32.83 -4.14
N LYS B 239 -4.65 -32.31 -3.51
CA LYS B 239 -4.61 -32.34 -2.05
C LYS B 239 -5.79 -31.57 -1.45
N ARG B 240 -6.31 -30.59 -2.18
CA ARG B 240 -7.49 -29.87 -1.69
C ARG B 240 -8.80 -30.52 -2.15
N GLY B 241 -8.73 -31.70 -2.76
CA GLY B 241 -9.93 -32.34 -3.26
C GLY B 241 -10.45 -31.79 -4.57
N LEU B 242 -9.61 -31.09 -5.34
CA LEU B 242 -10.04 -30.50 -6.60
C LEU B 242 -9.30 -31.13 -7.77
N HIS B 243 -9.98 -31.17 -8.91
CA HIS B 243 -9.54 -31.86 -10.12
C HIS B 243 -9.53 -30.92 -11.32
N LEU B 244 -8.36 -30.75 -11.94
CA LEU B 244 -8.25 -29.96 -13.18
C LEU B 244 -9.14 -30.44 -14.33
N GLN C 3 2.77 -22.11 32.68
CA GLN C 3 1.67 -21.72 31.82
C GLN C 3 0.67 -20.87 32.60
N ASN C 4 0.26 -19.75 31.99
CA ASN C 4 -0.70 -18.83 32.58
C ASN C 4 -2.13 -19.26 32.31
N ILE C 5 -3.01 -19.04 33.29
CA ILE C 5 -4.45 -19.27 33.13
C ILE C 5 -5.20 -18.20 33.92
N LYS C 6 -6.37 -17.82 33.39
CA LYS C 6 -7.18 -16.78 34.01
C LYS C 6 -7.54 -17.10 35.47
N ASN C 7 -7.55 -18.39 35.86
CA ASN C 7 -7.88 -18.74 37.24
C ASN C 7 -6.85 -18.23 38.23
N LEU C 8 -5.70 -17.78 37.76
CA LEU C 8 -4.63 -17.34 38.65
C LEU C 8 -4.68 -15.85 38.93
N ASP C 9 -5.49 -15.11 38.20
CA ASP C 9 -5.58 -13.66 38.34
C ASP C 9 -6.58 -13.36 39.46
N LEU C 10 -6.18 -12.50 40.39
CA LEU C 10 -7.08 -12.07 41.46
C LEU C 10 -7.80 -10.82 40.98
N SER C 11 -9.07 -10.96 40.60
CA SER C 11 -9.81 -9.81 40.08
C SER C 11 -10.24 -8.84 41.17
N ILE C 12 -9.88 -9.08 42.42
CA ILE C 12 -10.18 -8.14 43.50
C ILE C 12 -9.02 -7.20 43.77
N GLU C 13 -7.87 -7.41 43.13
CA GLU C 13 -6.74 -6.53 43.31
C GLU C 13 -7.16 -5.10 42.98
N LEU C 14 -6.66 -4.16 43.76
CA LEU C 14 -7.10 -2.78 43.60
C LEU C 14 -5.90 -1.88 43.88
N ASP C 15 -6.05 -0.61 43.49
CA ASP C 15 -5.01 0.37 43.71
C ASP C 15 -5.67 1.67 44.16
N LYS C 16 -5.02 2.41 45.07
CA LYS C 16 -5.70 3.57 45.65
C LYS C 16 -5.41 4.80 44.79
N LYS C 17 -5.31 5.96 45.43
CA LYS C 17 -4.95 7.20 44.75
C LYS C 17 -3.44 7.46 44.68
N MET C 18 -2.60 6.49 45.06
CA MET C 18 -1.18 6.65 44.68
C MET C 18 -1.01 6.50 43.17
N TYR C 19 -2.14 6.35 42.47
CA TYR C 19 -2.17 6.20 41.03
C TYR C 19 -1.67 7.45 40.32
N LYS C 20 -2.01 8.63 40.82
CA LYS C 20 -1.58 9.87 40.18
C LYS C 20 -0.05 9.94 40.12
N LYS C 21 0.59 9.62 41.24
CA LYS C 21 2.05 9.66 41.34
C LYS C 21 2.71 8.71 40.35
N LYS C 22 2.41 7.41 40.49
CA LYS C 22 3.02 6.41 39.63
C LYS C 22 2.68 6.65 38.17
N LEU C 23 1.45 7.13 37.91
CA LEU C 23 1.04 7.39 36.54
C LEU C 23 1.90 8.47 35.90
N LYS C 24 2.11 9.59 36.62
CA LYS C 24 2.98 10.64 36.10
C LYS C 24 4.38 10.11 35.83
N VAL C 25 4.96 9.42 36.82
CA VAL C 25 6.32 8.92 36.69
C VAL C 25 6.44 7.98 35.49
N LEU C 26 5.52 7.02 35.40
CA LEU C 26 5.60 6.00 34.36
C LEU C 26 5.32 6.57 32.97
N GLN C 27 4.43 7.57 32.87
CA GLN C 27 4.18 8.15 31.55
C GLN C 27 5.41 8.91 31.05
N TYR C 28 6.10 9.62 31.93
CA TYR C 28 7.35 10.24 31.47
C TYR C 28 8.40 9.19 31.15
N GLU C 29 8.45 8.10 31.92
CA GLU C 29 9.34 7.01 31.58
C GLU C 29 9.01 6.41 30.20
N MET C 30 7.73 6.40 29.83
CA MET C 30 7.33 5.90 28.53
C MET C 30 7.79 6.84 27.41
N LEU C 31 7.74 8.15 27.66
CA LEU C 31 8.33 9.08 26.69
C LEU C 31 9.83 8.81 26.51
N ASN C 32 10.54 8.59 27.62
CA ASN C 32 11.96 8.26 27.54
C ASN C 32 12.17 6.97 26.74
N ALA C 33 11.32 5.96 26.97
CA ALA C 33 11.42 4.71 26.21
C ALA C 33 11.23 4.97 24.72
N GLN C 34 10.29 5.85 24.37
CA GLN C 34 10.11 6.20 22.96
C GLN C 34 11.38 6.76 22.36
N GLN C 35 12.04 7.67 23.09
CA GLN C 35 13.27 8.25 22.55
C GLN C 35 14.34 7.18 22.37
N PHE C 36 14.44 6.26 23.33
CA PHE C 36 15.37 5.14 23.21
C PHE C 36 15.07 4.30 21.96
N LEU C 37 13.81 3.94 21.78
CA LEU C 37 13.43 3.12 20.64
C LEU C 37 13.74 3.83 19.33
N LEU C 38 13.50 5.14 19.28
CA LEU C 38 13.71 5.90 18.05
C LEU C 38 15.20 5.99 17.72
N LYS C 39 16.02 6.36 18.70
CA LYS C 39 17.46 6.48 18.46
C LYS C 39 18.09 5.15 18.09
N ASN C 40 17.62 4.05 18.68
CA ASN C 40 18.22 2.76 18.37
C ASN C 40 17.51 2.01 17.26
N LYS C 41 16.49 2.62 16.64
CA LYS C 41 15.76 2.01 15.53
C LYS C 41 15.23 0.62 15.88
N ILE C 42 14.59 0.53 17.04
CA ILE C 42 13.88 -0.69 17.45
C ILE C 42 12.38 -0.37 17.47
N GLY C 43 11.61 -1.10 16.67
CA GLY C 43 10.18 -0.94 16.67
C GLY C 43 9.54 -1.66 17.85
N LEU C 44 8.35 -1.17 18.23
CA LEU C 44 7.62 -1.71 19.37
C LEU C 44 6.20 -2.05 18.93
N ILE C 45 5.76 -3.25 19.30
CA ILE C 45 4.45 -3.77 18.96
C ILE C 45 3.75 -4.18 20.25
N LEU C 46 2.64 -3.53 20.54
CA LEU C 46 1.83 -3.80 21.73
C LEU C 46 0.50 -4.38 21.28
N VAL C 47 0.15 -5.55 21.81
CA VAL C 47 -1.10 -6.21 21.49
C VAL C 47 -2.01 -6.10 22.71
N PHE C 48 -3.27 -5.74 22.49
CA PHE C 48 -4.27 -5.70 23.55
C PHE C 48 -5.44 -6.61 23.17
N GLU C 49 -5.73 -7.57 24.04
CA GLU C 49 -6.90 -8.41 23.93
C GLU C 49 -7.60 -8.43 25.28
N GLY C 50 -8.81 -8.96 25.31
CA GLY C 50 -9.52 -9.13 26.55
C GLY C 50 -11.03 -9.10 26.33
N MET C 51 -11.75 -9.13 27.43
CA MET C 51 -13.20 -9.07 27.36
C MET C 51 -13.66 -7.69 26.91
N ASP C 52 -14.83 -7.65 26.29
CA ASP C 52 -15.43 -6.38 25.93
C ASP C 52 -15.59 -5.53 27.18
N ALA C 53 -15.19 -4.25 27.09
CA ALA C 53 -15.25 -3.28 28.18
C ALA C 53 -14.29 -3.61 29.31
N ALA C 54 -13.25 -4.40 29.07
CA ALA C 54 -12.28 -4.70 30.12
C ALA C 54 -11.32 -3.55 30.40
N GLY C 55 -11.31 -2.52 29.58
CA GLY C 55 -10.45 -1.37 29.77
C GLY C 55 -9.27 -1.21 28.81
N LYS C 56 -9.35 -1.79 27.61
CA LYS C 56 -8.24 -1.72 26.66
C LYS C 56 -7.97 -0.30 26.18
N GLY C 57 -9.02 0.42 25.79
CA GLY C 57 -8.84 1.77 25.27
C GLY C 57 -8.24 2.73 26.29
N GLY C 58 -8.76 2.69 27.52
CA GLY C 58 -8.23 3.56 28.56
C GLY C 58 -6.79 3.24 28.92
N ALA C 59 -6.44 1.95 28.96
CA ALA C 59 -5.06 1.58 29.22
C ALA C 59 -4.13 2.07 28.13
N ILE C 60 -4.53 1.89 26.87
CA ILE C 60 -3.72 2.38 25.75
C ILE C 60 -3.50 3.89 25.88
N LYS C 61 -4.58 4.63 26.13
CA LYS C 61 -4.46 6.09 26.21
C LYS C 61 -3.57 6.51 27.37
N ARG C 62 -3.66 5.83 28.51
CA ARG C 62 -2.80 6.21 29.63
C ARG C 62 -1.34 5.89 29.30
N LEU C 63 -1.09 4.82 28.53
CA LEU C 63 0.28 4.46 28.18
C LEU C 63 0.89 5.47 27.22
N ILE C 64 0.14 5.96 26.23
CA ILE C 64 0.73 6.82 25.21
C ILE C 64 0.47 8.29 25.49
N GLU C 65 -0.03 8.64 26.68
CA GLU C 65 -0.46 10.01 26.95
C GLU C 65 0.67 10.99 26.75
N ARG C 66 1.89 10.64 27.17
CA ARG C 66 3.02 11.54 27.09
C ARG C 66 3.99 11.17 25.97
N VAL C 67 3.59 10.27 25.06
CA VAL C 67 4.40 9.87 23.93
C VAL C 67 4.11 10.79 22.75
N ASP C 68 5.15 11.09 21.97
CA ASP C 68 4.99 11.94 20.80
C ASP C 68 4.15 11.24 19.75
N PRO C 69 3.01 11.81 19.34
CA PRO C 69 2.15 11.12 18.36
C PRO C 69 2.74 10.99 16.97
N ARG C 70 3.87 11.64 16.68
CA ARG C 70 4.50 11.45 15.38
C ARG C 70 5.22 10.11 15.29
N GLY C 71 5.23 9.33 16.37
CA GLY C 71 5.91 8.06 16.40
C GLY C 71 5.05 6.87 16.77
N TYR C 72 3.72 6.99 16.75
CA TYR C 72 2.87 5.84 17.01
C TYR C 72 1.62 5.87 16.14
N VAL C 73 1.04 4.68 16.01
CA VAL C 73 -0.28 4.47 15.41
C VAL C 73 -0.99 3.42 16.26
N VAL C 74 -2.21 3.73 16.70
CA VAL C 74 -3.06 2.79 17.42
C VAL C 74 -4.13 2.30 16.46
N HIS C 75 -4.12 0.98 16.18
CA HIS C 75 -5.00 0.39 15.18
C HIS C 75 -6.21 -0.26 15.85
N PRO C 76 -7.44 0.18 15.55
CA PRO C 76 -8.61 -0.59 16.00
C PRO C 76 -8.90 -1.72 15.02
N ILE C 77 -8.77 -2.96 15.48
CA ILE C 77 -8.88 -4.14 14.63
C ILE C 77 -10.24 -4.79 14.81
N SER C 78 -10.94 -5.03 13.71
CA SER C 78 -12.18 -5.79 13.69
C SER C 78 -11.96 -7.09 12.92
N ALA C 79 -12.99 -7.94 12.91
CA ALA C 79 -12.91 -9.20 12.19
C ALA C 79 -12.71 -8.95 10.70
N PRO C 80 -12.04 -9.86 9.99
CA PRO C 80 -11.74 -9.62 8.57
C PRO C 80 -12.99 -9.38 7.74
N GLN C 81 -12.93 -8.37 6.91
CA GLN C 81 -13.97 -8.02 5.96
C GLN C 81 -13.65 -8.63 4.60
N PRO C 82 -14.60 -8.61 3.66
CA PRO C 82 -14.32 -9.22 2.34
C PRO C 82 -13.01 -8.78 1.68
N HIS C 83 -12.70 -7.49 1.68
CA HIS C 83 -11.48 -7.06 1.02
C HIS C 83 -10.25 -7.61 1.73
N GLU C 84 -10.36 -7.86 3.03
CA GLU C 84 -9.26 -8.44 3.79
C GLU C 84 -9.16 -9.96 3.59
N LEU C 85 -10.26 -10.62 3.31
CA LEU C 85 -10.28 -12.05 3.04
C LEU C 85 -9.71 -12.41 1.67
N ARG C 86 -9.34 -11.44 0.85
CA ARG C 86 -8.62 -11.72 -0.39
C ARG C 86 -7.17 -12.15 -0.16
N TYR C 87 -6.67 -12.02 1.07
CA TYR C 87 -5.30 -12.37 1.41
C TYR C 87 -5.30 -13.33 2.60
N ASN C 88 -4.12 -13.92 2.83
CA ASN C 88 -3.88 -14.63 4.08
C ASN C 88 -4.17 -13.70 5.26
N TYR C 89 -4.62 -14.27 6.37
CA TYR C 89 -5.12 -13.47 7.48
C TYR C 89 -4.02 -12.64 8.15
N LEU C 90 -2.74 -12.93 7.92
CA LEU C 90 -1.73 -12.08 8.52
C LEU C 90 -1.32 -10.92 7.63
N GLN C 91 -1.76 -10.89 6.37
CA GLN C 91 -1.28 -9.86 5.46
C GLN C 91 -1.65 -8.46 5.95
N ARG C 92 -2.88 -8.30 6.46
CA ARG C 92 -3.29 -6.98 6.93
C ARG C 92 -2.38 -6.50 8.05
N PHE C 93 -1.84 -7.42 8.85
CA PHE C 93 -0.98 -7.04 9.96
C PHE C 93 0.45 -6.76 9.52
N TRP C 94 0.94 -7.47 8.51
CA TRP C 94 2.21 -7.09 7.88
C TRP C 94 2.13 -5.69 7.26
N ARG C 95 0.97 -5.32 6.71
CA ARG C 95 0.83 -3.98 6.15
C ARG C 95 0.88 -2.89 7.22
N LYS C 96 0.51 -3.21 8.45
CA LYS C 96 0.46 -2.23 9.53
C LYS C 96 1.68 -2.27 10.44
N LEU C 97 2.74 -2.99 10.06
CA LEU C 97 3.88 -3.10 10.94
C LEU C 97 4.56 -1.74 11.10
N PRO C 98 5.01 -1.41 12.31
CA PRO C 98 5.75 -0.16 12.49
C PRO C 98 7.10 -0.30 11.81
N GLN C 99 7.60 0.83 11.33
CA GLN C 99 8.97 0.88 10.89
C GLN C 99 9.89 0.77 12.11
N HIS C 100 11.11 0.30 11.88
CA HIS C 100 12.11 0.23 12.95
C HIS C 100 12.20 1.56 13.66
N GLY C 101 11.96 1.54 14.97
CA GLY C 101 11.95 2.75 15.77
C GLY C 101 10.57 3.29 16.08
N GLN C 102 9.53 2.80 15.41
CA GLN C 102 8.17 3.29 15.60
C GLN C 102 7.39 2.36 16.52
N ILE C 103 6.21 2.83 16.94
CA ILE C 103 5.32 2.09 17.82
C ILE C 103 4.01 1.82 17.09
N ALA C 104 3.55 0.58 17.17
CA ALA C 104 2.21 0.19 16.69
C ALA C 104 1.47 -0.46 17.85
N VAL C 105 0.26 0.01 18.11
CA VAL C 105 -0.60 -0.55 19.15
C VAL C 105 -1.78 -1.21 18.45
N PHE C 106 -2.11 -2.42 18.84
CA PHE C 106 -3.20 -3.16 18.22
C PHE C 106 -4.25 -3.41 19.30
N ASP C 107 -5.36 -2.68 19.21
CA ASP C 107 -6.55 -2.93 20.01
C ASP C 107 -7.26 -4.09 19.36
N ARG C 108 -7.03 -5.29 19.89
CA ARG C 108 -7.32 -6.57 19.23
C ARG C 108 -6.34 -6.71 18.08
N SER C 109 -6.12 -7.93 17.60
CA SER C 109 -4.93 -8.17 16.79
C SER C 109 -5.14 -9.44 15.97
N TRP C 110 -4.02 -10.01 15.50
CA TRP C 110 -4.04 -11.29 14.81
C TRP C 110 -4.58 -12.42 15.68
N TYR C 111 -4.53 -12.26 17.00
CA TYR C 111 -5.08 -13.28 17.89
C TYR C 111 -6.59 -13.45 17.75
N GLY C 112 -7.27 -12.53 17.06
CA GLY C 112 -8.65 -12.79 16.68
C GLY C 112 -8.81 -14.11 15.96
N ARG C 113 -7.76 -14.57 15.29
CA ARG C 113 -7.78 -15.86 14.60
C ARG C 113 -8.11 -17.01 15.52
N VAL C 114 -7.69 -16.93 16.80
CA VAL C 114 -7.92 -17.99 17.76
C VAL C 114 -8.88 -17.57 18.86
N LEU C 115 -9.57 -16.44 18.68
CA LEU C 115 -10.57 -15.97 19.62
C LEU C 115 -11.90 -15.89 18.92
N VAL C 116 -12.33 -14.69 18.49
CA VAL C 116 -13.67 -14.53 17.94
C VAL C 116 -13.85 -15.42 16.71
N GLU C 117 -12.84 -15.51 15.86
CA GLU C 117 -12.94 -16.34 14.67
C GLU C 117 -13.06 -17.81 15.02
N ARG C 118 -12.47 -18.24 16.15
CA ARG C 118 -12.65 -19.62 16.59
C ARG C 118 -14.06 -19.84 17.17
N ILE C 119 -14.49 -18.96 18.07
CA ILE C 119 -15.74 -19.20 18.78
C ILE C 119 -16.93 -19.04 17.85
N GLU C 120 -16.88 -18.05 16.94
CA GLU C 120 -17.96 -17.78 16.01
C GLU C 120 -17.88 -18.61 14.74
N GLY C 121 -16.83 -19.41 14.56
CA GLY C 121 -16.73 -20.23 13.37
C GLY C 121 -16.28 -19.54 12.12
N PHE C 122 -15.80 -18.29 12.20
CA PHE C 122 -15.23 -17.67 11.01
C PHE C 122 -14.01 -18.43 10.51
N ALA C 123 -13.26 -19.04 11.43
CA ALA C 123 -12.13 -19.90 11.09
C ALA C 123 -12.53 -21.33 11.36
N THR C 124 -12.11 -22.24 10.47
CA THR C 124 -12.37 -23.65 10.71
C THR C 124 -11.47 -24.16 11.84
N LYS C 125 -11.78 -25.37 12.30
CA LYS C 125 -10.95 -26.01 13.32
C LYS C 125 -9.49 -26.10 12.88
N ASP C 126 -9.24 -26.47 11.63
CA ASP C 126 -7.86 -26.57 11.16
C ASP C 126 -7.17 -25.21 11.19
N GLU C 127 -7.87 -24.17 10.73
CA GLU C 127 -7.29 -22.84 10.67
C GLU C 127 -6.88 -22.36 12.06
N TRP C 128 -7.83 -22.32 13.01
CA TRP C 128 -7.47 -21.81 14.33
C TRP C 128 -6.51 -22.74 15.06
N SER C 129 -6.61 -24.06 14.82
CA SER C 129 -5.74 -25.01 15.51
C SER C 129 -4.29 -24.84 15.10
N ARG C 130 -4.03 -24.52 13.81
CA ARG C 130 -2.66 -24.29 13.33
C ARG C 130 -2.19 -22.86 13.57
N ALA C 131 -3.13 -21.95 13.88
CA ALA C 131 -2.75 -20.54 14.01
C ALA C 131 -1.78 -20.29 15.15
N TYR C 132 -1.81 -21.07 16.24
CA TYR C 132 -0.88 -20.81 17.34
C TYR C 132 0.57 -20.86 16.86
N GLU C 133 0.92 -21.93 16.14
CA GLU C 133 2.28 -22.03 15.63
C GLU C 133 2.55 -20.98 14.57
N GLU C 134 1.57 -20.72 13.68
CA GLU C 134 1.77 -19.66 12.70
C GLU C 134 2.08 -18.31 13.36
N ILE C 135 1.35 -17.96 14.42
CA ILE C 135 1.54 -16.66 15.09
C ILE C 135 2.86 -16.64 15.83
N ASN C 136 3.22 -17.74 16.49
CA ASN C 136 4.55 -17.82 17.10
C ASN C 136 5.63 -17.55 16.06
N ASN C 137 5.46 -18.11 14.86
CA ASN C 137 6.45 -17.90 13.81
C ASN C 137 6.50 -16.45 13.35
N PHE C 138 5.33 -15.82 13.20
CA PHE C 138 5.24 -14.40 12.83
C PHE C 138 5.98 -13.52 13.85
N GLU C 139 5.64 -13.69 15.13
CA GLU C 139 6.28 -12.92 16.18
C GLU C 139 7.79 -13.24 16.29
N LYS C 140 8.19 -14.49 16.00
CA LYS C 140 9.60 -14.83 16.11
C LYS C 140 10.41 -14.20 14.99
N ILE C 141 9.88 -14.21 13.77
CA ILE C 141 10.59 -13.54 12.68
C ILE C 141 10.76 -12.06 13.02
N LEU C 142 9.73 -11.45 13.62
CA LEU C 142 9.85 -10.04 13.96
C LEU C 142 10.88 -9.80 15.07
N THR C 143 10.79 -10.56 16.17
CA THR C 143 11.62 -10.29 17.34
C THR C 143 13.08 -10.73 17.19
N ALA C 144 13.37 -11.65 16.26
CA ALA C 144 14.77 -11.95 15.99
C ALA C 144 15.47 -10.77 15.33
N GLY C 145 14.72 -9.85 14.72
CA GLY C 145 15.28 -8.63 14.18
C GLY C 145 15.18 -7.47 15.16
N ASP C 146 14.69 -6.33 14.70
CA ASP C 146 14.67 -5.13 15.53
C ASP C 146 13.25 -4.75 15.93
N TYR C 147 12.50 -5.70 16.48
CA TYR C 147 11.18 -5.45 17.01
C TYR C 147 11.08 -6.06 18.40
N ILE C 148 10.32 -5.38 19.25
CA ILE C 148 9.93 -5.87 20.57
C ILE C 148 8.42 -6.06 20.55
N ILE C 149 7.96 -7.18 21.10
CA ILE C 149 6.52 -7.49 21.09
C ILE C 149 6.10 -7.82 22.52
N ILE C 150 5.00 -7.20 22.98
CA ILE C 150 4.41 -7.66 24.23
C ILE C 150 2.88 -7.58 24.11
N LYS C 151 2.20 -8.54 24.75
CA LYS C 151 0.77 -8.74 24.59
C LYS C 151 0.08 -8.75 25.95
N PHE C 152 -1.02 -8.03 26.06
CA PHE C 152 -1.77 -7.91 27.30
C PHE C 152 -3.15 -8.49 27.10
N TRP C 153 -3.61 -9.27 28.09
CA TRP C 153 -4.99 -9.69 28.16
C TRP C 153 -5.63 -9.01 29.37
N LEU C 154 -6.61 -8.15 29.13
CA LEU C 154 -7.31 -7.43 30.18
C LEU C 154 -8.59 -8.18 30.54
N HIS C 155 -8.75 -8.50 31.82
CA HIS C 155 -9.88 -9.31 32.26
C HIS C 155 -10.71 -8.56 33.30
N VAL C 156 -12.03 -8.77 33.24
CA VAL C 156 -12.96 -8.23 34.22
C VAL C 156 -13.98 -9.30 34.58
N SER C 157 -14.61 -9.12 35.73
CA SER C 157 -15.68 -10.01 36.15
C SER C 157 -16.95 -9.72 35.34
N ASP C 158 -17.86 -10.70 35.31
CA ASP C 158 -19.11 -10.50 34.60
C ASP C 158 -19.89 -9.33 35.18
N GLU C 159 -19.82 -9.15 36.51
CA GLU C 159 -20.55 -8.06 37.14
C GLU C 159 -19.95 -6.71 36.80
N GLU C 160 -18.62 -6.59 36.84
CA GLU C 160 -17.99 -5.33 36.44
C GLU C 160 -18.25 -5.03 34.97
N GLN C 161 -18.20 -6.06 34.11
CA GLN C 161 -18.49 -5.85 32.70
C GLN C 161 -19.92 -5.38 32.50
N LEU C 162 -20.87 -5.98 33.23
CA LEU C 162 -22.27 -5.58 33.13
C LEU C 162 -22.44 -4.13 33.57
N LYS C 163 -21.80 -3.75 34.68
CA LYS C 163 -21.85 -2.35 35.12
C LYS C 163 -21.33 -1.41 34.03
N ARG C 164 -20.22 -1.77 33.38
CA ARG C 164 -19.67 -0.90 32.36
C ARG C 164 -20.55 -0.86 31.11
N PHE C 165 -21.17 -1.99 30.77
CA PHE C 165 -22.17 -2.00 29.70
C PHE C 165 -23.30 -1.03 30.00
N LYS C 166 -23.81 -1.07 31.23
CA LYS C 166 -24.91 -0.19 31.61
C LYS C 166 -24.50 1.27 31.52
N GLU C 167 -23.28 1.59 31.94
CA GLU C 167 -22.82 2.98 31.88
C GLU C 167 -22.57 3.44 30.45
N ARG C 168 -22.14 2.53 29.57
CA ARG C 168 -21.82 2.91 28.19
C ARG C 168 -23.06 3.20 27.36
N GLU C 169 -24.15 2.46 27.56
CA GLU C 169 -25.37 2.81 26.83
C GLU C 169 -25.99 4.12 27.30
N GLN C 170 -25.59 4.65 28.46
CA GLN C 170 -26.14 5.93 28.89
C GLN C 170 -25.30 7.09 28.39
N ASN C 171 -24.06 6.81 28.00
CA ASN C 171 -23.16 7.77 27.38
C ASN C 171 -23.17 7.52 25.88
N PRO C 172 -23.96 8.27 25.09
CA PRO C 172 -24.15 7.92 23.67
C PRO C 172 -22.94 8.23 22.79
N TYR C 173 -21.77 8.41 23.39
CA TYR C 173 -20.55 8.64 22.63
C TYR C 173 -20.18 7.39 21.82
N ASP C 180 -27.49 -5.44 21.42
CA ASP C 180 -26.81 -5.85 20.18
C ASP C 180 -25.98 -7.12 20.34
N GLU C 181 -24.97 -7.26 19.48
CA GLU C 181 -24.12 -8.45 19.51
C GLU C 181 -23.35 -8.57 20.82
N ASP C 182 -22.90 -7.46 21.39
CA ASP C 182 -22.08 -7.51 22.60
C ASP C 182 -22.81 -8.17 23.76
N TRP C 183 -24.10 -7.87 23.92
CA TRP C 183 -24.89 -8.52 24.98
C TRP C 183 -25.00 -10.01 24.72
N ARG C 184 -25.14 -10.40 23.46
CA ARG C 184 -25.13 -11.81 23.11
C ARG C 184 -23.78 -12.44 23.42
N ASN C 185 -22.68 -11.74 23.05
CA ASN C 185 -21.33 -12.29 23.27
C ASN C 185 -21.02 -12.44 24.75
N ARG C 186 -21.62 -11.58 25.59
CA ARG C 186 -21.48 -11.73 27.03
C ARG C 186 -21.89 -13.12 27.48
N GLU C 187 -22.85 -13.73 26.79
CA GLU C 187 -23.30 -15.08 27.09
C GLU C 187 -22.25 -16.14 26.75
N LYS C 188 -21.31 -15.85 25.86
CA LYS C 188 -20.28 -16.81 25.46
C LYS C 188 -18.98 -16.64 26.24
N SER C 189 -19.00 -15.88 27.33
CA SER C 189 -17.81 -15.67 28.15
C SER C 189 -17.04 -16.94 28.53
N PRO C 190 -17.66 -18.05 28.93
CA PRO C 190 -16.86 -19.26 29.23
C PRO C 190 -16.04 -19.74 28.05
N GLN C 191 -16.60 -19.71 26.84
CA GLN C 191 -15.86 -20.14 25.66
C GLN C 191 -14.68 -19.22 25.40
N TYR C 192 -14.86 -17.92 25.60
CA TYR C 192 -13.77 -16.99 25.41
C TYR C 192 -12.68 -17.19 26.45
N ILE C 193 -13.05 -17.54 27.67
CA ILE C 193 -12.06 -17.81 28.70
C ILE C 193 -11.24 -19.05 28.34
N GLU C 194 -11.92 -20.11 27.89
CA GLU C 194 -11.20 -21.32 27.46
C GLU C 194 -10.27 -21.03 26.28
N ALA C 195 -10.74 -20.26 25.29
CA ALA C 195 -9.91 -19.96 24.13
C ALA C 195 -8.72 -19.11 24.52
N ALA C 196 -8.92 -18.16 25.42
CA ALA C 196 -7.82 -17.32 25.89
C ALA C 196 -6.81 -18.16 26.66
N ASN C 197 -7.29 -19.12 27.46
CA ASN C 197 -6.38 -19.98 28.21
C ASN C 197 -5.53 -20.83 27.29
N GLU C 198 -6.13 -21.43 26.26
CA GLU C 198 -5.34 -22.20 25.30
C GLU C 198 -4.34 -21.30 24.58
N MET C 199 -4.76 -20.07 24.26
CA MET C 199 -3.87 -19.08 23.67
C MET C 199 -2.67 -18.81 24.57
N PHE C 200 -2.91 -18.64 25.88
CA PHE C 200 -1.81 -18.42 26.82
C PHE C 200 -0.90 -19.63 26.88
N GLU C 201 -1.48 -20.82 26.79
CA GLU C 201 -0.68 -22.04 26.85
C GLU C 201 0.27 -22.14 25.66
N LYS C 202 -0.18 -21.74 24.47
CA LYS C 202 0.61 -22.03 23.29
C LYS C 202 1.42 -20.85 22.74
N THR C 203 1.12 -19.60 23.13
CA THR C 203 1.80 -18.47 22.51
C THR C 203 2.44 -17.51 23.53
N ASP C 204 2.65 -17.96 24.76
CA ASP C 204 3.32 -17.15 25.77
C ASP C 204 4.82 -17.44 25.67
N LYS C 205 5.57 -16.60 24.98
CA LYS C 205 6.98 -16.87 24.73
C LYS C 205 7.84 -15.80 25.38
N LYS C 206 9.09 -16.19 25.67
CA LYS C 206 10.03 -15.26 26.29
C LYS C 206 10.26 -14.05 25.41
N ASN C 207 10.23 -14.23 24.09
CA ASN C 207 10.42 -13.16 23.12
C ASN C 207 9.14 -12.37 22.84
N ALA C 208 7.99 -12.84 23.30
CA ALA C 208 6.71 -12.16 23.14
C ALA C 208 5.76 -12.62 24.24
N PRO C 209 5.91 -12.11 25.46
CA PRO C 209 5.15 -12.64 26.59
C PRO C 209 3.71 -12.16 26.60
N TRP C 210 2.89 -12.95 27.29
CA TRP C 210 1.54 -12.56 27.67
C TRP C 210 1.56 -12.02 29.09
N VAL C 211 0.85 -10.93 29.30
CA VAL C 211 0.65 -10.33 30.62
C VAL C 211 -0.85 -10.29 30.88
N LEU C 212 -1.29 -10.98 31.93
CA LEU C 212 -2.70 -11.01 32.30
C LEU C 212 -2.96 -9.93 33.34
N VAL C 213 -3.87 -9.01 33.02
CA VAL C 213 -4.13 -7.83 33.82
C VAL C 213 -5.56 -7.92 34.35
N ALA C 214 -5.73 -7.99 35.67
CA ALA C 214 -7.08 -7.90 36.21
C ALA C 214 -7.54 -6.45 36.16
N GLY C 215 -8.65 -6.21 35.48
CA GLY C 215 -9.08 -4.89 35.10
C GLY C 215 -10.29 -4.31 35.81
N ASN C 216 -10.80 -4.96 36.87
CA ASN C 216 -11.94 -4.38 37.58
C ASN C 216 -11.62 -2.97 38.09
N ASP C 217 -10.41 -2.76 38.60
CA ASP C 217 -9.95 -1.43 38.97
C ASP C 217 -9.13 -0.89 37.80
N LYS C 218 -9.64 0.14 37.13
CA LYS C 218 -8.98 0.67 35.95
C LYS C 218 -7.61 1.24 36.28
N LYS C 219 -7.46 1.89 37.43
CA LYS C 219 -6.20 2.52 37.76
C LYS C 219 -5.08 1.50 37.92
N TYR C 220 -5.36 0.45 38.68
CA TYR C 220 -4.40 -0.63 38.81
C TYR C 220 -4.02 -1.20 37.44
N ALA C 221 -5.02 -1.46 36.60
CA ALA C 221 -4.77 -2.06 35.29
C ALA C 221 -3.87 -1.16 34.43
N ARG C 222 -4.15 0.14 34.42
CA ARG C 222 -3.36 1.06 33.62
C ARG C 222 -1.92 1.10 34.09
N VAL C 223 -1.71 1.18 35.42
CA VAL C 223 -0.35 1.19 35.95
C VAL C 223 0.36 -0.12 35.65
N GLN C 224 -0.35 -1.25 35.70
CA GLN C 224 0.30 -2.52 35.39
C GLN C 224 0.71 -2.61 33.92
N VAL C 225 -0.15 -2.13 33.02
CA VAL C 225 0.21 -2.12 31.60
C VAL C 225 1.48 -1.31 31.39
N LEU C 226 1.56 -0.14 32.03
CA LEU C 226 2.76 0.69 31.94
C LEU C 226 3.98 -0.03 32.51
N GLN C 227 3.84 -0.60 33.71
CA GLN C 227 4.98 -1.25 34.36
C GLN C 227 5.51 -2.38 33.52
N GLU C 228 4.62 -3.21 32.97
CA GLU C 228 5.08 -4.35 32.19
C GLU C 228 5.70 -3.92 30.87
N THR C 229 5.12 -2.92 30.19
CA THR C 229 5.75 -2.42 28.96
C THR C 229 7.16 -1.93 29.24
N LEU C 230 7.33 -1.10 30.27
CA LEU C 230 8.65 -0.55 30.56
C LEU C 230 9.63 -1.63 31.00
N ALA C 231 9.18 -2.61 31.80
CA ALA C 231 10.08 -3.67 32.24
C ALA C 231 10.54 -4.54 31.06
N HIS C 232 9.62 -4.87 30.15
CA HIS C 232 10.00 -5.66 28.98
C HIS C 232 10.99 -4.90 28.10
N ILE C 233 10.72 -3.60 27.87
CA ILE C 233 11.65 -2.77 27.10
C ILE C 233 13.02 -2.73 27.76
N GLU C 234 13.04 -2.60 29.09
CA GLU C 234 14.29 -2.52 29.83
C GLU C 234 15.08 -3.83 29.72
N ARG C 235 14.39 -4.98 29.83
CA ARG C 235 15.06 -6.26 29.65
C ARG C 235 15.66 -6.36 28.25
N GLU C 236 14.93 -5.89 27.23
CA GLU C 236 15.48 -5.92 25.87
C GLU C 236 16.68 -5.01 25.71
N ALA C 237 16.64 -3.83 26.33
CA ALA C 237 17.80 -2.94 26.32
C ALA C 237 19.01 -3.64 26.91
N LEU C 238 18.83 -4.30 28.06
CA LEU C 238 19.94 -5.03 28.67
C LEU C 238 20.44 -6.14 27.76
N LYS C 239 19.51 -6.93 27.20
CA LYS C 239 19.92 -8.03 26.32
C LYS C 239 20.65 -7.53 25.07
N ARG C 240 20.37 -6.31 24.62
CA ARG C 240 21.06 -5.80 23.45
C ARG C 240 22.29 -4.95 23.79
N GLY C 241 22.65 -4.83 25.07
CA GLY C 241 23.81 -4.04 25.42
C GLY C 241 23.63 -2.54 25.34
N LEU C 242 22.40 -2.05 25.41
CA LEU C 242 22.12 -0.63 25.22
C LEU C 242 21.69 0.02 26.53
N HIS C 243 21.78 1.34 26.56
CA HIS C 243 21.60 2.11 27.79
C HIS C 243 20.20 2.71 27.83
N LEU C 244 19.45 2.38 28.87
CA LEU C 244 18.15 2.98 29.12
C LEU C 244 18.06 3.50 30.54
N GLN D 3 -5.77 39.14 1.51
CA GLN D 3 -4.59 38.28 1.50
C GLN D 3 -3.79 38.37 2.79
N ASN D 4 -3.40 37.22 3.32
CA ASN D 4 -2.62 37.15 4.55
C ASN D 4 -1.14 37.33 4.25
N ILE D 5 -0.44 38.04 5.13
CA ILE D 5 1.01 38.18 5.06
C ILE D 5 1.55 38.13 6.48
N LYS D 6 2.71 37.48 6.65
CA LYS D 6 3.36 37.39 7.95
C LYS D 6 3.69 38.75 8.53
N ASN D 7 3.85 39.78 7.68
CA ASN D 7 4.20 41.10 8.18
C ASN D 7 3.09 41.73 9.00
N LEU D 8 1.86 41.23 8.87
CA LEU D 8 0.72 41.73 9.62
C LEU D 8 0.47 40.95 10.91
N ASP D 9 1.23 39.89 11.14
CA ASP D 9 1.05 39.07 12.34
C ASP D 9 1.72 39.76 13.52
N LEU D 10 0.98 39.89 14.62
CA LEU D 10 1.50 40.51 15.84
C LEU D 10 2.13 39.43 16.71
N SER D 11 3.47 39.35 16.68
CA SER D 11 4.20 38.33 17.43
C SER D 11 4.31 38.64 18.92
N ILE D 12 3.69 39.72 19.41
CA ILE D 12 3.72 40.03 20.84
C ILE D 12 2.52 39.42 21.57
N GLU D 13 1.58 38.80 20.86
CA GLU D 13 0.40 38.22 21.47
C GLU D 13 0.76 37.29 22.60
N LEU D 14 -0.05 37.33 23.67
CA LEU D 14 0.17 36.55 24.88
C LEU D 14 -1.16 36.06 25.45
N ASP D 15 -1.08 35.04 26.30
CA ASP D 15 -2.22 34.51 27.03
C ASP D 15 -1.74 34.09 28.41
N LYS D 16 -2.53 34.37 29.46
CA LYS D 16 -2.05 34.13 30.82
C LYS D 16 -2.51 32.80 31.41
N LYS D 17 -2.79 32.78 32.72
CA LYS D 17 -3.14 31.54 33.40
C LYS D 17 -4.56 31.10 33.14
N MET D 18 -5.36 31.88 32.42
CA MET D 18 -6.65 31.37 31.97
C MET D 18 -6.47 30.34 30.86
N TYR D 19 -5.21 30.00 30.57
CA TYR D 19 -4.88 29.02 29.56
C TYR D 19 -5.34 27.63 29.96
N LYS D 20 -5.19 27.26 31.23
CA LYS D 20 -5.52 25.91 31.66
C LYS D 20 -7.00 25.58 31.44
N LYS D 21 -7.88 26.47 31.89
CA LYS D 21 -9.31 26.20 31.78
C LYS D 21 -9.74 26.18 30.31
N LYS D 22 -9.38 27.22 29.53
CA LYS D 22 -9.72 27.23 28.11
C LYS D 22 -9.18 26.01 27.41
N LEU D 23 -7.96 25.58 27.77
CA LEU D 23 -7.36 24.43 27.12
C LEU D 23 -8.19 23.18 27.37
N LYS D 24 -8.58 22.97 28.63
CA LYS D 24 -9.40 21.81 28.96
C LYS D 24 -10.71 21.81 28.18
N VAL D 25 -11.40 22.95 28.17
CA VAL D 25 -12.67 23.05 27.47
C VAL D 25 -12.50 22.76 25.98
N LEU D 26 -11.50 23.38 25.35
CA LEU D 26 -11.32 23.20 23.91
C LEU D 26 -10.90 21.77 23.57
N GLN D 27 -10.12 21.12 24.44
CA GLN D 27 -9.75 19.73 24.18
C GLN D 27 -10.96 18.81 24.26
N TYR D 28 -11.85 19.05 25.22
CA TYR D 28 -13.08 18.26 25.24
C TYR D 28 -13.97 18.56 24.04
N GLU D 29 -13.99 19.82 23.58
CA GLU D 29 -14.72 20.13 22.36
C GLU D 29 -14.12 19.40 21.16
N MET D 30 -12.80 19.23 21.15
CA MET D 30 -12.17 18.47 20.06
C MET D 30 -12.55 16.99 20.14
N LEU D 31 -12.70 16.46 21.35
CA LEU D 31 -13.23 15.09 21.48
C LEU D 31 -14.63 14.99 20.89
N ASN D 32 -15.50 15.94 21.24
CA ASN D 32 -16.85 15.96 20.66
C ASN D 32 -16.80 16.05 19.15
N ALA D 33 -15.90 16.88 18.62
CA ALA D 33 -15.73 17.02 17.18
C ALA D 33 -15.31 15.69 16.57
N GLN D 34 -14.42 14.94 17.22
CA GLN D 34 -14.05 13.64 16.69
C GLN D 34 -15.26 12.71 16.61
N GLN D 35 -16.09 12.69 17.65
CA GLN D 35 -17.25 11.81 17.59
C GLN D 35 -18.19 12.23 16.47
N PHE D 36 -18.38 13.53 16.27
CA PHE D 36 -19.18 14.00 15.15
C PHE D 36 -18.59 13.57 13.80
N LEU D 37 -17.29 13.77 13.63
CA LEU D 37 -16.65 13.42 12.37
C LEU D 37 -16.79 11.93 12.09
N LEU D 38 -16.64 11.11 13.12
CA LEU D 38 -16.74 9.67 12.97
C LEU D 38 -18.18 9.25 12.66
N LYS D 39 -19.15 9.81 13.38
CA LYS D 39 -20.54 9.45 13.16
C LYS D 39 -21.00 9.80 11.75
N ASN D 40 -20.57 10.94 11.21
CA ASN D 40 -20.98 11.39 9.90
C ASN D 40 -20.02 11.00 8.78
N LYS D 41 -18.98 10.21 9.07
CA LYS D 41 -18.06 9.74 8.05
C LYS D 41 -17.45 10.90 7.28
N ILE D 42 -17.00 11.92 8.00
CA ILE D 42 -16.26 13.04 7.41
C ILE D 42 -14.83 12.99 7.92
N GLY D 43 -13.88 12.91 7.01
CA GLY D 43 -12.48 12.95 7.39
C GLY D 43 -12.01 14.36 7.66
N LEU D 44 -10.95 14.46 8.46
CA LEU D 44 -10.34 15.73 8.83
C LEU D 44 -8.85 15.70 8.52
N ILE D 45 -8.37 16.72 7.82
CA ILE D 45 -6.98 16.84 7.42
C ILE D 45 -6.44 18.17 7.96
N LEU D 46 -5.47 18.08 8.86
CA LEU D 46 -4.84 19.24 9.48
C LEU D 46 -3.40 19.33 8.98
N VAL D 47 -3.05 20.48 8.41
CA VAL D 47 -1.71 20.73 7.89
C VAL D 47 -1.02 21.72 8.81
N PHE D 48 0.25 21.44 9.15
CA PHE D 48 1.06 22.34 9.95
C PHE D 48 2.35 22.65 9.21
N GLU D 49 2.58 23.93 8.91
CA GLU D 49 3.82 24.42 8.36
C GLU D 49 4.29 25.57 9.24
N GLY D 50 5.53 26.01 9.03
CA GLY D 50 6.04 27.16 9.75
C GLY D 50 7.55 27.12 9.91
N MET D 51 8.07 28.07 10.68
CA MET D 51 9.50 28.13 10.96
C MET D 51 9.91 26.96 11.85
N ASP D 52 11.18 26.55 11.71
CA ASP D 52 11.70 25.52 12.59
C ASP D 52 11.60 25.95 14.04
N ALA D 53 11.14 25.03 14.89
CA ALA D 53 10.95 25.27 16.33
C ALA D 53 9.87 26.31 16.61
N ALA D 54 8.93 26.52 15.69
CA ALA D 54 7.83 27.45 15.94
C ALA D 54 6.76 26.91 16.88
N GLY D 55 6.80 25.62 17.21
CA GLY D 55 5.85 25.04 18.12
C GLY D 55 4.79 24.15 17.48
N LYS D 56 5.04 23.63 16.28
CA LYS D 56 4.05 22.81 15.59
C LYS D 56 3.77 21.53 16.36
N GLY D 57 4.82 20.85 16.82
CA GLY D 57 4.64 19.60 17.54
C GLY D 57 3.81 19.77 18.80
N GLY D 58 4.10 20.80 19.58
CA GLY D 58 3.35 21.04 20.80
C GLY D 58 1.90 21.39 20.55
N ALA D 59 1.64 22.19 19.50
CA ALA D 59 0.26 22.50 19.15
C ALA D 59 -0.50 21.25 18.74
N ILE D 60 0.12 20.39 17.92
CA ILE D 60 -0.50 19.13 17.57
C ILE D 60 -0.80 18.31 18.81
N LYS D 61 0.15 18.26 19.74
CA LYS D 61 0.00 17.45 20.95
C LYS D 61 -1.17 17.96 21.80
N ARG D 62 -1.31 19.27 21.96
CA ARG D 62 -2.46 19.77 22.71
C ARG D 62 -3.78 19.57 21.97
N LEU D 63 -3.77 19.63 20.64
CA LEU D 63 -5.04 19.45 19.93
C LEU D 63 -5.59 18.05 20.08
N ILE D 64 -4.73 17.02 20.03
CA ILE D 64 -5.19 15.64 20.05
C ILE D 64 -5.08 15.01 21.44
N GLU D 65 -4.80 15.80 22.48
CA GLU D 65 -4.49 15.20 23.78
C GLU D 65 -5.64 14.35 24.31
N ARG D 66 -6.89 14.79 24.14
CA ARG D 66 -8.03 14.04 24.64
C ARG D 66 -8.82 13.36 23.53
N VAL D 67 -8.29 13.32 22.33
CA VAL D 67 -8.92 12.64 21.21
C VAL D 67 -8.47 11.18 21.24
N ASP D 68 -9.38 10.29 20.87
CA ASP D 68 -9.10 8.85 20.86
C ASP D 68 -8.05 8.52 19.80
N PRO D 69 -6.89 7.95 20.17
CA PRO D 69 -5.85 7.64 19.18
C PRO D 69 -6.22 6.54 18.21
N ARG D 70 -7.34 5.85 18.43
CA ARG D 70 -7.74 4.88 17.41
C ARG D 70 -8.30 5.55 16.18
N GLY D 71 -8.44 6.87 16.21
CA GLY D 71 -9.01 7.61 15.10
C GLY D 71 -8.15 8.71 14.52
N TYR D 72 -6.85 8.73 14.82
CA TYR D 72 -5.98 9.70 14.19
C TYR D 72 -4.62 9.09 13.87
N VAL D 73 -3.91 9.75 12.94
CA VAL D 73 -2.50 9.47 12.63
C VAL D 73 -1.83 10.81 12.41
N VAL D 74 -0.69 11.03 13.08
CA VAL D 74 0.12 12.23 12.90
C VAL D 74 1.36 11.86 12.10
N HIS D 75 1.51 12.45 10.90
CA HIS D 75 2.57 12.10 9.99
C HIS D 75 3.71 13.12 10.07
N PRO D 76 4.92 12.74 10.47
CA PRO D 76 6.07 13.66 10.34
C PRO D 76 6.63 13.59 8.93
N ILE D 77 6.53 14.70 8.21
CA ILE D 77 6.85 14.75 6.77
C ILE D 77 8.21 15.40 6.57
N SER D 78 9.09 14.69 5.87
CA SER D 78 10.40 15.18 5.46
C SER D 78 10.44 15.32 3.95
N ALA D 79 11.56 15.86 3.45
CA ALA D 79 11.71 16.05 2.01
C ALA D 79 11.67 14.70 1.27
N PRO D 80 11.20 14.69 0.02
CA PRO D 80 11.08 13.42 -0.70
C PRO D 80 12.44 12.74 -0.86
N GLN D 81 12.46 11.44 -0.59
CA GLN D 81 13.59 10.53 -0.73
C GLN D 81 13.48 9.74 -2.02
N PRO D 82 14.57 9.09 -2.47
CA PRO D 82 14.54 8.37 -3.76
C PRO D 82 13.32 7.49 -4.00
N HIS D 83 12.86 6.72 -3.02
CA HIS D 83 11.70 5.86 -3.26
C HIS D 83 10.42 6.68 -3.48
N GLU D 84 10.33 7.86 -2.87
CA GLU D 84 9.17 8.70 -3.08
C GLU D 84 9.23 9.45 -4.41
N LEU D 85 10.43 9.74 -4.90
CA LEU D 85 10.66 10.40 -6.18
C LEU D 85 10.39 9.47 -7.37
N ARG D 86 10.04 8.20 -7.12
CA ARG D 86 9.55 7.32 -8.18
C ARG D 86 8.14 7.66 -8.61
N TYR D 87 7.45 8.53 -7.88
CA TYR D 87 6.08 8.89 -8.17
C TYR D 87 5.95 10.40 -8.26
N ASN D 88 4.80 10.84 -8.77
CA ASN D 88 4.40 12.23 -8.62
C ASN D 88 4.42 12.61 -7.14
N TYR D 89 4.77 13.87 -6.86
CA TYR D 89 5.01 14.27 -5.48
C TYR D 89 3.76 14.23 -4.60
N LEU D 90 2.56 14.18 -5.17
CA LEU D 90 1.38 14.06 -4.32
C LEU D 90 1.04 12.61 -3.99
N GLN D 91 1.74 11.64 -4.60
CA GLN D 91 1.37 10.24 -4.43
C GLN D 91 1.48 9.79 -2.97
N ARG D 92 2.57 10.16 -2.29
CA ARG D 92 2.76 9.75 -0.88
C ARG D 92 1.63 10.27 0.00
N PHE D 93 1.11 11.44 -0.33
CA PHE D 93 0.05 12.01 0.50
C PHE D 93 -1.30 11.38 0.22
N TRP D 94 -1.57 11.03 -1.06
CA TRP D 94 -2.76 10.22 -1.33
C TRP D 94 -2.67 8.90 -0.59
N ARG D 95 -1.46 8.33 -0.46
CA ARG D 95 -1.32 7.12 0.32
C ARG D 95 -1.60 7.38 1.79
N LYS D 96 -1.39 8.60 2.27
CA LYS D 96 -1.60 8.93 3.68
C LYS D 96 -2.96 9.55 3.98
N LEU D 97 -3.89 9.57 3.03
CA LEU D 97 -5.18 10.21 3.31
C LEU D 97 -5.92 9.43 4.38
N PRO D 98 -6.61 10.11 5.30
CA PRO D 98 -7.45 9.39 6.27
C PRO D 98 -8.68 8.85 5.57
N GLN D 99 -9.20 7.75 6.12
CA GLN D 99 -10.50 7.27 5.69
C GLN D 99 -11.58 8.26 6.15
N HIS D 100 -12.72 8.20 5.47
CA HIS D 100 -13.88 8.98 5.87
C HIS D 100 -14.19 8.73 7.34
N GLY D 101 -14.21 9.80 8.13
CA GLY D 101 -14.43 9.71 9.55
C GLY D 101 -13.17 9.76 10.39
N GLN D 102 -12.00 9.62 9.77
CA GLN D 102 -10.72 9.59 10.48
C GLN D 102 -10.02 10.93 10.41
N ILE D 103 -8.98 11.08 11.23
CA ILE D 103 -8.21 12.32 11.34
C ILE D 103 -6.77 12.05 10.92
N ALA D 104 -6.25 12.90 10.04
CA ALA D 104 -4.85 12.84 9.64
C ALA D 104 -4.20 14.19 9.87
N VAL D 105 -3.06 14.20 10.58
CA VAL D 105 -2.28 15.41 10.81
C VAL D 105 -0.95 15.30 10.09
N PHE D 106 -0.58 16.38 9.42
CA PHE D 106 0.67 16.47 8.68
C PHE D 106 1.54 17.54 9.33
N ASP D 107 2.60 17.10 9.99
CA ASP D 107 3.67 17.98 10.43
C ASP D 107 4.57 18.23 9.22
N ARG D 108 4.33 19.36 8.53
CA ARG D 108 4.82 19.62 7.17
C ARG D 108 4.06 18.71 6.20
N SER D 109 4.05 19.06 4.91
CA SER D 109 3.09 18.43 4.02
C SER D 109 3.50 18.66 2.56
N TRP D 110 2.53 18.51 1.65
CA TRP D 110 2.75 18.76 0.23
C TRP D 110 3.21 20.18 -0.06
N TYR D 111 2.92 21.14 0.83
CA TYR D 111 3.42 22.51 0.63
C TYR D 111 4.94 22.61 0.66
N GLY D 112 5.64 21.55 1.07
CA GLY D 112 7.08 21.54 0.88
C GLY D 112 7.47 21.84 -0.55
N ARG D 113 6.57 21.47 -1.50
CA ARG D 113 6.82 21.73 -2.91
C ARG D 113 7.07 23.20 -3.20
N VAL D 114 6.45 24.11 -2.44
CA VAL D 114 6.60 25.54 -2.67
C VAL D 114 7.31 26.23 -1.51
N LEU D 115 7.89 25.46 -0.58
CA LEU D 115 8.61 26.01 0.54
C LEU D 115 10.05 25.52 0.44
N VAL D 116 10.42 24.48 1.18
CA VAL D 116 11.81 24.04 1.20
C VAL D 116 12.28 23.62 -0.19
N GLU D 117 11.43 22.92 -0.95
CA GLU D 117 11.84 22.47 -2.26
C GLU D 117 12.04 23.63 -3.22
N ARG D 118 11.28 24.71 -3.05
CA ARG D 118 11.51 25.89 -3.88
C ARG D 118 12.83 26.55 -3.51
N ILE D 119 13.08 26.74 -2.22
CA ILE D 119 14.21 27.54 -1.78
C ILE D 119 15.52 26.79 -1.96
N GLU D 120 15.53 25.48 -1.71
CA GLU D 120 16.72 24.66 -1.87
C GLU D 120 16.91 24.15 -3.30
N GLY D 121 15.98 24.44 -4.20
CA GLY D 121 16.13 24.01 -5.58
C GLY D 121 15.82 22.55 -5.85
N PHE D 122 15.25 21.82 -4.90
CA PHE D 122 14.81 20.46 -5.18
C PHE D 122 13.76 20.45 -6.29
N ALA D 123 12.93 21.49 -6.37
CA ALA D 123 11.96 21.66 -7.44
C ALA D 123 12.42 22.76 -8.38
N THR D 124 12.22 22.55 -9.68
CA THR D 124 12.54 23.58 -10.64
C THR D 124 11.51 24.72 -10.57
N LYS D 125 11.83 25.81 -11.27
CA LYS D 125 10.93 26.95 -11.33
C LYS D 125 9.56 26.54 -11.85
N ASP D 126 9.52 25.73 -12.92
CA ASP D 126 8.24 25.32 -13.49
C ASP D 126 7.43 24.53 -12.47
N GLU D 127 8.08 23.59 -11.79
CA GLU D 127 7.41 22.73 -10.84
C GLU D 127 6.81 23.52 -9.69
N TRP D 128 7.65 24.27 -8.97
CA TRP D 128 7.09 24.94 -7.80
C TRP D 128 6.10 26.03 -8.22
N SER D 129 6.32 26.68 -9.36
CA SER D 129 5.40 27.74 -9.80
C SER D 129 4.03 27.19 -10.18
N ARG D 130 3.94 25.99 -10.75
CA ARG D 130 2.63 25.39 -11.07
C ARG D 130 2.03 24.63 -9.89
N ALA D 131 2.82 24.38 -8.84
CA ALA D 131 2.32 23.58 -7.73
C ALA D 131 1.17 24.23 -6.97
N TYR D 132 1.10 25.57 -6.90
CA TYR D 132 0.00 26.19 -6.17
C TYR D 132 -1.35 25.72 -6.71
N GLU D 133 -1.53 25.81 -8.03
CA GLU D 133 -2.78 25.37 -8.64
C GLU D 133 -2.93 23.85 -8.51
N GLU D 134 -1.84 23.09 -8.68
CA GLU D 134 -1.95 21.65 -8.46
C GLU D 134 -2.49 21.34 -7.06
N ILE D 135 -1.99 22.03 -6.05
CA ILE D 135 -2.37 21.80 -4.67
C ILE D 135 -3.81 22.24 -4.42
N ASN D 136 -4.20 23.40 -4.98
CA ASN D 136 -5.59 23.82 -4.88
C ASN D 136 -6.52 22.77 -5.47
N ASN D 137 -6.15 22.18 -6.60
CA ASN D 137 -7.00 21.17 -7.21
C ASN D 137 -7.08 19.93 -6.33
N PHE D 138 -5.95 19.53 -5.73
CA PHE D 138 -5.93 18.39 -4.81
C PHE D 138 -6.88 18.60 -3.63
N GLU D 139 -6.71 19.73 -2.94
CA GLU D 139 -7.58 20.03 -1.81
C GLU D 139 -9.03 20.18 -2.25
N LYS D 140 -9.27 20.67 -3.48
CA LYS D 140 -10.64 20.87 -3.95
C LYS D 140 -11.36 19.54 -4.20
N ILE D 141 -10.67 18.59 -4.85
CA ILE D 141 -11.29 17.27 -5.03
C ILE D 141 -11.58 16.66 -3.68
N LEU D 142 -10.68 16.82 -2.70
CA LEU D 142 -10.95 16.22 -1.40
C LEU D 142 -12.15 16.89 -0.71
N THR D 143 -12.18 18.21 -0.68
CA THR D 143 -13.22 18.91 0.09
C THR D 143 -14.59 18.92 -0.58
N ALA D 144 -14.65 18.73 -1.91
CA ALA D 144 -15.97 18.58 -2.51
C ALA D 144 -16.65 17.27 -2.07
N GLY D 145 -15.86 16.30 -1.60
CA GLY D 145 -16.40 15.07 -1.06
C GLY D 145 -16.60 15.12 0.45
N ASP D 146 -16.09 14.11 1.16
CA ASP D 146 -16.32 14.00 2.60
C ASP D 146 -15.03 14.23 3.36
N TYR D 147 -14.34 15.34 3.10
CA TYR D 147 -13.15 15.74 3.81
C TYR D 147 -13.23 17.22 4.18
N ILE D 148 -12.66 17.54 5.34
CA ILE D 148 -12.46 18.91 5.81
C ILE D 148 -10.96 19.14 5.92
N ILE D 149 -10.47 20.29 5.43
CA ILE D 149 -9.03 20.58 5.45
C ILE D 149 -8.82 21.96 6.06
N ILE D 150 -7.85 22.07 6.99
CA ILE D 150 -7.40 23.38 7.45
C ILE D 150 -5.90 23.38 7.64
N LYS D 151 -5.26 24.50 7.34
CA LYS D 151 -3.80 24.61 7.32
C LYS D 151 -3.36 25.74 8.23
N PHE D 152 -2.33 25.49 9.03
CA PHE D 152 -1.79 26.44 10.00
C PHE D 152 -0.34 26.76 9.64
N TRP D 153 0.01 28.03 9.67
CA TRP D 153 1.38 28.48 9.58
C TRP D 153 1.79 29.09 10.90
N LEU D 154 2.72 28.44 11.60
CA LEU D 154 3.20 28.92 12.89
C LEU D 154 4.48 29.73 12.71
N HIS D 155 4.46 30.98 13.18
CA HIS D 155 5.56 31.91 13.00
C HIS D 155 6.07 32.38 14.35
N VAL D 156 7.39 32.56 14.46
CA VAL D 156 8.03 33.06 15.68
C VAL D 156 9.07 34.09 15.27
N SER D 157 9.49 34.89 16.25
CA SER D 157 10.56 35.85 16.01
C SER D 157 11.90 35.14 15.92
N ASP D 158 12.86 35.82 15.27
CA ASP D 158 14.19 35.26 15.12
C ASP D 158 14.88 35.04 16.47
N GLU D 159 14.66 35.95 17.41
CA GLU D 159 15.28 35.80 18.74
C GLU D 159 14.64 34.64 19.50
N GLU D 160 13.32 34.53 19.46
CA GLU D 160 12.66 33.39 20.11
C GLU D 160 13.09 32.09 19.44
N GLN D 161 13.24 32.10 18.12
CA GLN D 161 13.71 30.90 17.41
C GLN D 161 15.12 30.51 17.83
N LEU D 162 16.01 31.50 17.97
CA LEU D 162 17.36 31.21 18.43
C LEU D 162 17.33 30.65 19.85
N LYS D 163 16.51 31.25 20.72
CA LYS D 163 16.35 30.72 22.07
C LYS D 163 15.91 29.26 22.05
N ARG D 164 14.95 28.92 21.18
CA ARG D 164 14.47 27.54 21.14
C ARG D 164 15.49 26.61 20.53
N PHE D 165 16.25 27.08 19.54
CA PHE D 165 17.37 26.30 19.01
C PHE D 165 18.35 25.94 20.13
N LYS D 166 18.71 26.95 20.94
CA LYS D 166 19.65 26.72 22.01
C LYS D 166 19.08 25.76 23.05
N GLU D 167 17.78 25.85 23.34
CA GLU D 167 17.21 24.95 24.33
C GLU D 167 17.14 23.52 23.81
N ARG D 168 16.94 23.35 22.50
CA ARG D 168 16.91 22.00 21.95
C ARG D 168 18.31 21.39 21.85
N GLU D 169 19.32 22.20 21.51
CA GLU D 169 20.68 21.65 21.41
C GLU D 169 21.26 21.30 22.77
N GLN D 170 20.70 21.84 23.85
CA GLN D 170 21.12 21.56 25.22
C GLN D 170 20.32 20.44 25.87
N ASN D 171 19.38 19.85 25.15
CA ASN D 171 18.69 18.66 25.66
C ASN D 171 19.37 17.38 25.13
N THR D 179 19.71 19.72 14.41
CA THR D 179 20.40 19.33 13.19
C THR D 179 20.99 20.55 12.48
N ASP D 180 21.80 20.30 11.44
CA ASP D 180 22.40 21.40 10.69
C ASP D 180 21.37 22.09 9.79
N GLU D 181 20.43 21.30 9.26
CA GLU D 181 19.43 21.85 8.34
C GLU D 181 18.61 22.95 8.98
N ASP D 182 18.34 22.85 10.28
CA ASP D 182 17.58 23.89 10.96
C ASP D 182 18.33 25.22 10.93
N TRP D 183 19.65 25.18 11.16
CA TRP D 183 20.47 26.38 11.04
C TRP D 183 20.56 26.83 9.58
N ARG D 184 20.55 25.87 8.66
CA ARG D 184 20.51 26.20 7.24
C ARG D 184 19.29 27.03 6.90
N ASN D 185 18.11 26.58 7.34
CA ASN D 185 16.87 27.29 7.05
C ASN D 185 16.76 28.60 7.81
N ARG D 186 17.31 28.66 9.03
CA ARG D 186 17.29 29.93 9.77
C ARG D 186 17.99 31.05 9.01
N GLU D 187 19.08 30.72 8.30
CA GLU D 187 19.79 31.73 7.52
C GLU D 187 18.99 32.17 6.30
N LYS D 188 18.14 31.29 5.77
CA LYS D 188 17.31 31.59 4.61
C LYS D 188 15.89 31.97 5.02
N SER D 189 15.70 32.25 6.30
CA SER D 189 14.39 32.66 6.82
C SER D 189 13.71 33.77 6.01
N PRO D 190 14.40 34.80 5.52
CA PRO D 190 13.70 35.78 4.67
C PRO D 190 13.10 35.17 3.41
N GLN D 191 13.82 34.25 2.76
CA GLN D 191 13.25 33.58 1.60
C GLN D 191 12.05 32.72 1.97
N TYR D 192 12.10 32.10 3.16
CA TYR D 192 10.94 31.32 3.59
C TYR D 192 9.75 32.23 3.83
N ILE D 193 9.98 33.44 4.33
CA ILE D 193 8.88 34.37 4.53
C ILE D 193 8.27 34.77 3.18
N GLU D 194 9.13 35.08 2.20
CA GLU D 194 8.62 35.38 0.85
C GLU D 194 7.78 34.23 0.30
N ALA D 195 8.30 33.00 0.41
CA ALA D 195 7.62 31.85 -0.16
C ALA D 195 6.30 31.59 0.55
N ALA D 196 6.28 31.75 1.88
CA ALA D 196 5.05 31.56 2.63
C ALA D 196 4.01 32.62 2.26
N ASN D 197 4.44 33.87 2.04
CA ASN D 197 3.49 34.91 1.64
C ASN D 197 2.87 34.58 0.29
N GLU D 198 3.70 34.13 -0.67
CA GLU D 198 3.15 33.77 -1.98
C GLU D 198 2.18 32.59 -1.85
N MET D 199 2.54 31.62 -1.00
CA MET D 199 1.66 30.48 -0.72
C MET D 199 0.31 30.95 -0.17
N PHE D 200 0.34 31.87 0.79
CA PHE D 200 -0.89 32.39 1.37
C PHE D 200 -1.72 33.11 0.31
N GLU D 201 -1.04 33.83 -0.58
CA GLU D 201 -1.76 34.57 -1.61
C GLU D 201 -2.49 33.62 -2.56
N LYS D 202 -1.89 32.48 -2.88
CA LYS D 202 -2.45 31.65 -3.95
C LYS D 202 -3.25 30.44 -3.46
N THR D 203 -3.14 30.02 -2.19
CA THR D 203 -3.78 28.77 -1.78
C THR D 203 -4.63 28.93 -0.52
N ASP D 204 -5.00 30.16 -0.15
CA ASP D 204 -5.89 30.39 0.98
C ASP D 204 -7.31 30.37 0.45
N LYS D 205 -7.99 29.23 0.58
CA LYS D 205 -9.29 29.06 -0.03
C LYS D 205 -10.38 28.86 1.03
N LYS D 206 -11.59 29.25 0.65
CA LYS D 206 -12.72 29.14 1.57
C LYS D 206 -12.92 27.71 2.03
N ASN D 207 -12.67 26.75 1.16
CA ASN D 207 -12.76 25.32 1.44
C ASN D 207 -11.52 24.75 2.10
N ALA D 208 -10.41 25.49 2.15
CA ALA D 208 -9.19 25.02 2.80
C ALA D 208 -8.38 26.22 3.23
N PRO D 209 -8.76 26.84 4.34
CA PRO D 209 -8.13 28.11 4.72
C PRO D 209 -6.77 27.92 5.36
N TRP D 210 -5.98 28.98 5.25
CA TRP D 210 -4.73 29.16 5.97
C TRP D 210 -5.01 30.00 7.21
N VAL D 211 -4.46 29.58 8.34
CA VAL D 211 -4.53 30.27 9.62
C VAL D 211 -3.11 30.59 10.03
N LEU D 212 -2.80 31.87 10.19
CA LEU D 212 -1.47 32.30 10.59
C LEU D 212 -1.43 32.49 12.11
N VAL D 213 -0.57 31.72 12.77
CA VAL D 213 -0.51 31.66 14.23
C VAL D 213 0.83 32.20 14.67
N ALA D 214 0.82 33.29 15.45
CA ALA D 214 2.02 33.81 16.08
C ALA D 214 2.38 32.93 17.29
N GLY D 215 3.58 32.36 17.27
CA GLY D 215 3.95 31.32 18.22
C GLY D 215 4.91 31.67 19.32
N ASN D 216 5.28 32.95 19.48
CA ASN D 216 6.20 33.30 20.57
C ASN D 216 5.68 32.85 21.92
N ASP D 217 4.37 32.99 22.16
CA ASP D 217 3.73 32.43 23.35
C ASP D 217 3.09 31.11 22.94
N LYS D 218 3.66 29.99 23.41
CA LYS D 218 3.16 28.68 23.02
C LYS D 218 1.72 28.46 23.48
N LYS D 219 1.37 28.98 24.65
CA LYS D 219 0.03 28.76 25.20
C LYS D 219 -1.03 29.40 24.31
N TYR D 220 -0.80 30.66 23.93
CA TYR D 220 -1.70 31.33 22.99
C TYR D 220 -1.81 30.55 21.68
N ALA D 221 -0.67 30.10 21.15
CA ALA D 221 -0.68 29.40 19.87
C ALA D 221 -1.51 28.13 19.94
N ARG D 222 -1.36 27.36 21.02
CA ARG D 222 -2.11 26.12 21.16
C ARG D 222 -3.61 26.39 21.25
N VAL D 223 -4.00 27.38 22.07
CA VAL D 223 -5.41 27.69 22.16
C VAL D 223 -5.96 28.18 20.82
N GLN D 224 -5.14 28.92 20.04
CA GLN D 224 -5.63 29.40 18.76
C GLN D 224 -5.81 28.25 17.77
N VAL D 225 -4.87 27.31 17.73
CA VAL D 225 -5.04 26.15 16.85
C VAL D 225 -6.32 25.41 17.21
N LEU D 226 -6.57 25.21 18.50
CA LEU D 226 -7.81 24.55 18.92
C LEU D 226 -9.04 25.35 18.47
N GLN D 227 -9.05 26.65 18.75
CA GLN D 227 -10.22 27.47 18.44
C GLN D 227 -10.52 27.47 16.95
N GLU D 228 -9.48 27.66 16.12
CA GLU D 228 -9.69 27.75 14.67
C GLU D 228 -10.09 26.41 14.08
N THR D 229 -9.50 25.30 14.57
CA THR D 229 -9.93 23.98 14.11
C THR D 229 -11.41 23.78 14.39
N LEU D 230 -11.84 24.04 15.63
CA LEU D 230 -13.24 23.80 15.99
C LEU D 230 -14.19 24.71 15.24
N ALA D 231 -13.80 25.99 15.04
CA ALA D 231 -14.66 26.90 14.29
C ALA D 231 -14.82 26.46 12.85
N HIS D 232 -13.72 26.02 12.22
CA HIS D 232 -13.83 25.57 10.84
C HIS D 232 -14.70 24.32 10.73
N ILE D 233 -14.51 23.36 11.64
CA ILE D 233 -15.33 22.15 11.61
C ILE D 233 -16.80 22.50 11.76
N GLU D 234 -17.12 23.40 12.69
CA GLU D 234 -18.51 23.76 12.94
C GLU D 234 -19.13 24.46 11.73
N ARG D 235 -18.39 25.39 11.12
CA ARG D 235 -18.88 26.03 9.89
C ARG D 235 -19.13 24.99 8.80
N GLU D 236 -18.24 24.01 8.67
CA GLU D 236 -18.40 22.99 7.63
C GLU D 236 -19.62 22.13 7.92
N ALA D 237 -19.84 21.79 9.20
CA ALA D 237 -21.04 21.06 9.59
C ALA D 237 -22.28 21.80 9.16
N LEU D 238 -22.32 23.11 9.44
CA LEU D 238 -23.45 23.92 9.00
C LEU D 238 -23.60 23.90 7.48
N LYS D 239 -22.49 24.04 6.75
CA LYS D 239 -22.58 24.04 5.29
C LYS D 239 -23.12 22.72 4.75
N ARG D 240 -22.93 21.63 5.48
CA ARG D 240 -23.42 20.33 5.07
C ARG D 240 -24.80 20.02 5.64
N GLY D 241 -25.44 20.98 6.29
CA GLY D 241 -26.74 20.74 6.88
C GLY D 241 -26.71 19.92 8.14
N LEU D 242 -25.55 19.81 8.79
CA LEU D 242 -25.38 18.99 9.98
C LEU D 242 -25.09 19.90 11.16
N HIS D 243 -25.38 19.42 12.38
CA HIS D 243 -25.24 20.25 13.57
C HIS D 243 -24.19 19.63 14.49
N LEU D 244 -23.12 20.39 14.73
CA LEU D 244 -22.08 20.06 15.70
C LEU D 244 -22.48 20.73 17.01
N THR D 245 -23.06 19.94 17.92
CA THR D 245 -23.52 20.48 19.18
C THR D 245 -22.97 19.71 20.39
N ASN D 246 -23.66 18.65 20.74
CA ASN D 246 -23.44 17.90 21.98
C ASN D 246 -24.28 16.62 21.91
#